data_6H1L
#
_entry.id   6H1L
#
_cell.length_a   58.980
_cell.length_b   150.849
_cell.length_c   60.997
_cell.angle_alpha   90.00
_cell.angle_beta   95.73
_cell.angle_gamma   90.00
#
_symmetry.space_group_name_H-M   'P 1 21 1'
#
loop_
_entity.id
_entity.type
_entity.pdbx_description
1 polymer 'Bifunctional cytochrome P450/NADPH--P450 reductase'
2 non-polymer Tioconazole
3 non-polymer 'PROTOPORPHYRIN IX CONTAINING FE'
4 non-polymer 'PHOSPHATE ION'
5 non-polymer 'L(+)-TARTARIC ACID'
6 non-polymer '1,4-DIETHYLENE DIOXIDE'
7 non-polymer 1,2-ETHANEDIOL
8 non-polymer DI(HYDROXYETHYL)ETHER
9 water water
#
_entity_poly.entity_id   1
_entity_poly.type   'polypeptide(L)'
_entity_poly.pdbx_seq_one_letter_code
;TIKEMPQPKTFGELKNLPLLNTDKPVQALMKIADELGEIFKFEAPGRVTRYLSSQRLIKEACDESRFDKNLSQALKFVRD
FFGDGLVTSWTHEKNWKKAHNILLPSFSQQAMKGYHAMMVDIAVQLVQKWERLNADEHIEVPEDMTRLTLDTIGLCGFNY
RFNSFYRDQPHPFITSMVRALDEAMNKLQRANPDDPAYDENKRQFQEDIKVMNDLVDKIIADRKASGEQSDDLLTHMLNG
KDPETGEPLDDENIRYQIITFLIAGHETTSGLLSFALYFLVKNPHVLQKAAEEAARVLVDPVPSYKQVKQLKYVGMVLNE
ALRLWPTAPAFSLYAKEDTVLGGEYPLEKGDELMVLIPQLHRDKTIWGDDVEEFRPERFENPSAIPQHAFKPFGNGQRAC
IGQQFALHEATLVLGMMLKHFDFEDHTNYELDIKETLTLKPEGFVVKAKSKKIPLGG
;
_entity_poly.pdbx_strand_id   A,B
#
loop_
_chem_comp.id
_chem_comp.type
_chem_comp.name
_chem_comp.formula
DIO non-polymer '1,4-DIETHYLENE DIOXIDE' 'C4 H8 O2'
EDO non-polymer 1,2-ETHANEDIOL 'C2 H6 O2'
FJQ non-polymer Tioconazole 'C16 H13 Cl3 N2 O S'
HEM non-polymer 'PROTOPORPHYRIN IX CONTAINING FE' 'C34 H32 Fe N4 O4'
PEG non-polymer DI(HYDROXYETHYL)ETHER 'C4 H10 O3'
PO4 non-polymer 'PHOSPHATE ION' 'O4 P -3'
TLA non-polymer 'L(+)-TARTARIC ACID' 'C4 H6 O6'
#
# COMPACT_ATOMS: atom_id res chain seq x y z
N LYS A 3 -0.80 -28.04 -23.03
CA LYS A 3 -2.08 -27.43 -23.36
C LYS A 3 -3.24 -28.18 -22.70
N GLU A 4 -3.24 -29.50 -22.86
CA GLU A 4 -4.29 -30.33 -22.29
C GLU A 4 -4.16 -30.37 -20.77
N MET A 5 -5.30 -30.25 -20.09
CA MET A 5 -5.33 -30.13 -18.64
C MET A 5 -5.37 -31.51 -18.00
N PRO A 6 -4.38 -31.88 -17.19
CA PRO A 6 -4.46 -33.16 -16.48
C PRO A 6 -5.61 -33.15 -15.48
N GLN A 7 -6.19 -34.34 -15.29
CA GLN A 7 -7.29 -34.45 -14.37
C GLN A 7 -7.19 -35.85 -13.77
N PRO A 8 -7.33 -35.98 -12.45
CA PRO A 8 -7.36 -37.32 -11.88
C PRO A 8 -8.64 -38.07 -12.25
N LYS A 9 -8.84 -39.17 -11.56
CA LYS A 9 -9.81 -40.17 -11.97
C LYS A 9 -11.25 -39.81 -11.64
N THR A 10 -12.16 -40.28 -12.49
CA THR A 10 -13.58 -39.96 -12.49
C THR A 10 -14.39 -41.14 -11.96
N PHE A 11 -15.48 -40.84 -11.23
CA PHE A 11 -16.42 -41.89 -10.84
C PHE A 11 -17.80 -41.69 -11.44
N GLY A 12 -17.86 -41.46 -12.75
N GLY A 12 -17.86 -41.46 -12.75
CA GLY A 12 -19.14 -41.20 -13.39
CA GLY A 12 -19.14 -41.20 -13.39
C GLY A 12 -19.74 -39.88 -12.94
C GLY A 12 -19.74 -39.88 -12.94
N GLU A 13 -20.97 -39.95 -12.40
CA GLU A 13 -21.66 -38.74 -12.00
C GLU A 13 -20.94 -38.01 -10.86
N LEU A 14 -20.31 -38.75 -9.95
CA LEU A 14 -19.63 -38.16 -8.80
C LEU A 14 -18.21 -37.68 -9.12
N LYS A 15 -17.87 -37.51 -10.39
CA LYS A 15 -16.59 -36.99 -10.86
C LYS A 15 -15.40 -37.38 -9.97
N ASN A 16 -14.68 -36.39 -9.43
CA ASN A 16 -13.46 -36.66 -8.67
C ASN A 16 -13.68 -36.70 -7.15
N LEU A 17 -14.87 -36.39 -6.66
CA LEU A 17 -15.02 -36.21 -5.21
C LEU A 17 -14.57 -37.41 -4.38
N PRO A 18 -14.97 -38.67 -4.67
CA PRO A 18 -14.60 -39.78 -3.77
C PRO A 18 -13.10 -39.85 -3.48
N LEU A 19 -12.28 -39.16 -4.28
CA LEU A 19 -10.87 -39.02 -3.95
C LEU A 19 -10.66 -38.25 -2.66
N LEU A 20 -11.62 -37.41 -2.28
CA LEU A 20 -11.57 -36.64 -1.05
C LEU A 20 -12.47 -37.24 0.03
N ASN A 21 -12.83 -38.52 -0.10
CA ASN A 21 -13.56 -39.25 0.94
C ASN A 21 -12.56 -39.67 2.02
N THR A 22 -11.99 -38.66 2.68
CA THR A 22 -10.90 -38.89 3.61
C THR A 22 -10.90 -37.78 4.65
N ASP A 23 -10.28 -38.07 5.78
CA ASP A 23 -10.10 -37.07 6.82
C ASP A 23 -8.93 -36.13 6.53
N LYS A 24 -8.11 -36.42 5.52
CA LYS A 24 -6.94 -35.62 5.18
C LYS A 24 -6.97 -35.24 3.72
N PRO A 25 -7.93 -34.40 3.30
CA PRO A 25 -8.07 -34.09 1.87
C PRO A 25 -6.93 -33.27 1.30
N VAL A 26 -6.37 -32.33 2.08
CA VAL A 26 -5.24 -31.54 1.59
C VAL A 26 -4.06 -32.45 1.31
N GLN A 27 -3.75 -33.34 2.25
CA GLN A 27 -2.66 -34.30 2.03
C GLN A 27 -2.96 -35.22 0.85
N ALA A 28 -4.23 -35.59 0.67
CA ALA A 28 -4.60 -36.37 -0.51
C ALA A 28 -4.42 -35.55 -1.78
N LEU A 29 -4.76 -34.25 -1.74
CA LEU A 29 -4.55 -33.41 -2.91
C LEU A 29 -3.08 -33.19 -3.19
N MET A 30 -2.23 -33.25 -2.15
CA MET A 30 -0.80 -33.16 -2.36
C MET A 30 -0.25 -34.39 -3.08
N LYS A 31 -0.76 -35.58 -2.74
CA LYS A 31 -0.37 -36.78 -3.47
C LYS A 31 -0.78 -36.69 -4.94
N ILE A 32 -1.98 -36.15 -5.21
CA ILE A 32 -2.42 -36.00 -6.59
C ILE A 32 -1.50 -35.03 -7.33
N ALA A 33 -1.04 -33.97 -6.65
CA ALA A 33 -0.15 -33.01 -7.31
C ALA A 33 1.21 -33.63 -7.61
N ASP A 34 1.70 -34.51 -6.71
CA ASP A 34 2.94 -35.22 -6.98
C ASP A 34 2.84 -36.01 -8.28
N GLU A 35 1.68 -36.60 -8.54
CA GLU A 35 1.50 -37.49 -9.67
C GLU A 35 1.29 -36.70 -10.96
N LEU A 36 0.42 -35.69 -10.93
CA LEU A 36 0.04 -34.98 -12.15
C LEU A 36 0.84 -33.71 -12.41
N GLY A 37 1.49 -33.15 -11.39
CA GLY A 37 2.32 -31.98 -11.60
C GLY A 37 1.73 -30.64 -11.16
N GLU A 38 2.06 -29.58 -11.90
CA GLU A 38 1.85 -28.22 -11.44
C GLU A 38 0.41 -27.75 -11.51
N ILE A 39 -0.42 -28.38 -12.34
CA ILE A 39 -1.82 -27.98 -12.48
C ILE A 39 -2.64 -29.21 -12.78
N PHE A 40 -3.83 -29.29 -12.19
CA PHE A 40 -4.76 -30.36 -12.53
C PHE A 40 -6.18 -29.90 -12.24
N LYS A 41 -7.09 -30.29 -13.13
CA LYS A 41 -8.50 -30.00 -12.95
C LYS A 41 -9.09 -30.96 -11.94
N PHE A 42 -9.96 -30.45 -11.07
CA PHE A 42 -10.67 -31.27 -10.10
C PHE A 42 -12.14 -30.96 -10.23
N GLU A 43 -12.93 -31.96 -10.62
CA GLU A 43 -14.35 -31.78 -10.88
C GLU A 43 -15.20 -32.40 -9.78
N ALA A 44 -16.35 -31.76 -9.56
CA ALA A 44 -17.38 -32.20 -8.64
C ALA A 44 -18.71 -31.93 -9.33
N PRO A 45 -19.81 -32.54 -8.86
CA PRO A 45 -21.12 -32.22 -9.44
C PRO A 45 -21.37 -30.73 -9.51
N GLY A 46 -21.37 -30.19 -10.73
CA GLY A 46 -21.63 -28.79 -10.96
C GLY A 46 -20.50 -27.85 -10.64
N ARG A 47 -19.28 -28.35 -10.45
CA ARG A 47 -18.16 -27.49 -10.08
C ARG A 47 -16.84 -27.99 -10.63
N VAL A 48 -15.97 -27.04 -10.93
CA VAL A 48 -14.67 -27.28 -11.50
C VAL A 48 -13.67 -26.43 -10.73
N THR A 49 -12.57 -27.03 -10.29
CA THR A 49 -11.48 -26.31 -9.66
C THR A 49 -10.16 -26.74 -10.27
N ARG A 50 -9.29 -25.78 -10.53
CA ARG A 50 -7.93 -26.05 -11.01
CA ARG A 50 -7.94 -26.05 -11.02
C ARG A 50 -6.96 -25.77 -9.88
N TYR A 51 -6.20 -26.79 -9.49
CA TYR A 51 -5.25 -26.71 -8.40
C TYR A 51 -3.85 -26.40 -8.95
N LEU A 52 -3.28 -25.28 -8.51
CA LEU A 52 -1.94 -24.87 -8.93
C LEU A 52 -0.92 -25.22 -7.85
N SER A 53 0.25 -25.68 -8.28
CA SER A 53 1.27 -26.14 -7.35
C SER A 53 2.67 -25.60 -7.64
N SER A 54 2.89 -24.90 -8.75
CA SER A 54 4.21 -24.40 -9.09
C SER A 54 4.25 -22.88 -8.92
N GLN A 55 5.42 -22.38 -8.55
CA GLN A 55 5.61 -20.94 -8.45
C GLN A 55 5.39 -20.26 -9.79
N ARG A 56 5.71 -20.96 -10.89
CA ARG A 56 5.56 -20.38 -12.22
C ARG A 56 4.10 -19.99 -12.49
N LEU A 57 3.17 -20.87 -12.18
CA LEU A 57 1.76 -20.57 -12.41
C LEU A 57 1.16 -19.72 -11.30
N ILE A 58 1.56 -19.98 -10.06
CA ILE A 58 0.95 -19.28 -8.93
C ILE A 58 1.29 -17.79 -8.94
N LYS A 59 2.46 -17.41 -9.46
CA LYS A 59 2.76 -15.99 -9.56
C LYS A 59 1.84 -15.28 -10.53
N GLU A 60 1.39 -15.98 -11.58
CA GLU A 60 0.36 -15.39 -12.45
C GLU A 60 -0.98 -15.32 -11.72
N ALA A 61 -1.32 -16.34 -10.94
CA ALA A 61 -2.58 -16.32 -10.21
C ALA A 61 -2.63 -15.17 -9.21
N CYS A 62 -1.49 -14.82 -8.63
CA CYS A 62 -1.41 -13.73 -7.66
C CYS A 62 -1.42 -12.35 -8.31
N ASP A 63 -1.60 -12.27 -9.62
CA ASP A 63 -1.74 -11.00 -10.32
C ASP A 63 -3.17 -10.49 -10.11
N GLU A 64 -3.32 -9.45 -9.27
CA GLU A 64 -4.64 -8.94 -8.92
C GLU A 64 -5.33 -8.21 -10.07
N SER A 65 -4.61 -7.88 -11.14
CA SER A 65 -5.28 -7.34 -12.32
C SER A 65 -6.04 -8.41 -13.09
N ARG A 66 -5.72 -9.69 -12.87
CA ARG A 66 -6.33 -10.79 -13.61
C ARG A 66 -7.14 -11.75 -12.76
N PHE A 67 -6.84 -11.87 -11.46
CA PHE A 67 -7.52 -12.81 -10.58
C PHE A 67 -7.80 -12.13 -9.24
N ASP A 68 -8.98 -12.39 -8.69
CA ASP A 68 -9.37 -11.87 -7.38
C ASP A 68 -9.72 -13.03 -6.45
N LYS A 69 -9.76 -12.72 -5.16
CA LYS A 69 -10.08 -13.75 -4.18
C LYS A 69 -11.45 -14.33 -4.47
N ASN A 70 -11.53 -15.65 -4.46
CA ASN A 70 -12.78 -16.36 -4.67
C ASN A 70 -13.28 -16.88 -3.34
N LEU A 71 -14.59 -16.86 -3.15
CA LEU A 71 -15.19 -17.61 -2.05
C LEU A 71 -15.36 -19.04 -2.54
N SER A 72 -14.44 -19.92 -2.13
CA SER A 72 -14.52 -21.33 -2.45
C SER A 72 -15.79 -21.92 -1.85
N GLN A 73 -16.05 -23.19 -2.13
CA GLN A 73 -17.23 -23.82 -1.53
C GLN A 73 -17.11 -23.89 -0.02
N ALA A 74 -15.92 -24.22 0.49
CA ALA A 74 -15.70 -24.22 1.93
C ALA A 74 -16.02 -22.87 2.54
N LEU A 75 -15.53 -21.78 1.92
CA LEU A 75 -15.80 -20.45 2.45
C LEU A 75 -17.28 -20.09 2.39
N LYS A 76 -17.94 -20.42 1.26
CA LYS A 76 -19.38 -20.19 1.16
C LYS A 76 -20.15 -21.00 2.19
N PHE A 77 -19.63 -22.17 2.58
CA PHE A 77 -20.27 -22.97 3.61
C PHE A 77 -20.15 -22.31 4.97
N VAL A 78 -18.93 -21.99 5.40
CA VAL A 78 -18.73 -21.39 6.72
C VAL A 78 -19.25 -19.96 6.81
N ARG A 79 -19.69 -19.39 5.68
CA ARG A 79 -20.34 -18.08 5.71
C ARG A 79 -21.59 -18.08 6.60
N ASP A 80 -22.21 -19.24 6.78
CA ASP A 80 -23.32 -19.34 7.74
C ASP A 80 -22.88 -18.96 9.14
N PHE A 81 -21.61 -19.18 9.48
CA PHE A 81 -21.07 -18.85 10.79
C PHE A 81 -20.39 -17.49 10.82
N PHE A 82 -19.67 -17.13 9.75
CA PHE A 82 -18.82 -15.95 9.77
C PHE A 82 -19.39 -14.78 8.97
N GLY A 83 -20.50 -14.98 8.27
CA GLY A 83 -21.21 -13.87 7.64
C GLY A 83 -20.34 -13.12 6.66
N ASP A 84 -20.53 -11.79 6.62
CA ASP A 84 -19.69 -10.95 5.79
C ASP A 84 -18.51 -10.36 6.56
N GLY A 85 -17.95 -11.13 7.48
CA GLY A 85 -16.70 -10.78 8.11
C GLY A 85 -15.59 -10.73 7.08
N LEU A 86 -14.39 -10.39 7.56
CA LEU A 86 -13.28 -10.11 6.64
C LEU A 86 -12.88 -11.32 5.83
N VAL A 87 -12.93 -12.52 6.40
CA VAL A 87 -12.45 -13.70 5.70
C VAL A 87 -13.44 -14.18 4.64
N THR A 88 -14.74 -14.00 4.87
CA THR A 88 -15.77 -14.67 4.09
C THR A 88 -16.55 -13.72 3.19
N SER A 89 -16.04 -12.53 2.93
CA SER A 89 -16.69 -11.58 2.05
C SER A 89 -15.95 -11.44 0.73
N TRP A 90 -16.70 -11.09 -0.31
CA TRP A 90 -16.10 -10.78 -1.60
C TRP A 90 -15.36 -9.45 -1.52
N THR A 91 -14.31 -9.33 -2.34
CA THR A 91 -13.52 -8.09 -2.33
C THR A 91 -14.36 -6.89 -2.70
N HIS A 92 -15.36 -7.07 -3.57
CA HIS A 92 -16.25 -5.98 -3.96
C HIS A 92 -17.52 -5.89 -3.11
N GLU A 93 -17.64 -6.72 -2.09
CA GLU A 93 -18.69 -6.55 -1.09
C GLU A 93 -18.35 -5.32 -0.23
N LYS A 94 -19.32 -4.43 -0.06
N LYS A 94 -19.32 -4.43 -0.06
CA LYS A 94 -19.06 -3.14 0.60
CA LYS A 94 -19.05 -3.15 0.59
C LYS A 94 -18.48 -3.33 1.99
C LYS A 94 -18.47 -3.34 2.00
N ASN A 95 -18.95 -4.34 2.73
CA ASN A 95 -18.48 -4.54 4.09
C ASN A 95 -17.06 -5.09 4.15
N TRP A 96 -16.51 -5.63 3.05
CA TRP A 96 -15.11 -6.04 3.11
C TRP A 96 -14.22 -4.80 3.17
N LYS A 97 -14.36 -3.90 2.20
CA LYS A 97 -13.52 -2.69 2.15
C LYS A 97 -13.71 -1.84 3.40
N LYS A 98 -14.95 -1.70 3.87
CA LYS A 98 -15.21 -0.90 5.06
C LYS A 98 -14.53 -1.50 6.29
N ALA A 99 -14.72 -2.80 6.51
CA ALA A 99 -14.09 -3.45 7.66
C ALA A 99 -12.57 -3.46 7.53
N HIS A 100 -12.06 -3.68 6.32
CA HIS A 100 -10.60 -3.61 6.13
C HIS A 100 -10.06 -2.24 6.54
N ASN A 101 -10.71 -1.18 6.06
CA ASN A 101 -10.27 0.17 6.39
C ASN A 101 -10.31 0.44 7.89
N ILE A 102 -11.34 -0.08 8.57
CA ILE A 102 -11.53 0.24 9.98
C ILE A 102 -10.59 -0.57 10.86
N LEU A 103 -10.30 -1.81 10.50
CA LEU A 103 -9.55 -2.70 11.37
C LEU A 103 -8.06 -2.76 11.05
N LEU A 104 -7.64 -2.28 9.88
CA LEU A 104 -6.22 -2.27 9.55
C LEU A 104 -5.35 -1.62 10.62
N PRO A 105 -5.71 -0.46 11.19
CA PRO A 105 -4.85 0.13 12.23
C PRO A 105 -4.65 -0.77 13.45
N SER A 106 -5.54 -1.74 13.68
CA SER A 106 -5.40 -2.63 14.83
C SER A 106 -4.33 -3.68 14.64
N PHE A 107 -3.72 -3.78 13.45
CA PHE A 107 -2.68 -4.78 13.22
C PHE A 107 -1.39 -4.16 12.71
N SER A 108 -1.19 -2.87 12.98
CA SER A 108 0.01 -2.16 12.59
C SER A 108 1.16 -2.50 13.53
N GLN A 109 2.37 -2.18 13.08
CA GLN A 109 3.56 -2.28 13.93
C GLN A 109 3.64 -1.15 14.95
N GLN A 110 2.49 -0.77 15.49
CA GLN A 110 2.37 0.16 16.60
C GLN A 110 1.34 -0.40 17.57
N ALA A 111 0.27 -0.96 17.01
CA ALA A 111 -0.65 -1.77 17.80
C ALA A 111 0.06 -2.98 18.39
N MET A 112 1.01 -3.56 17.65
CA MET A 112 1.76 -4.71 18.17
C MET A 112 2.52 -4.34 19.45
N LYS A 113 3.07 -3.13 19.49
CA LYS A 113 3.77 -2.69 20.70
C LYS A 113 2.81 -2.63 21.90
N GLY A 114 1.57 -2.21 21.66
CA GLY A 114 0.60 -2.19 22.74
C GLY A 114 0.05 -3.56 23.10
N TYR A 115 0.08 -4.50 22.14
CA TYR A 115 -0.34 -5.87 22.43
C TYR A 115 0.68 -6.65 23.23
N HIS A 116 1.94 -6.19 23.25
CA HIS A 116 3.06 -7.04 23.68
C HIS A 116 2.89 -7.50 25.13
N ALA A 117 2.51 -6.60 26.03
CA ALA A 117 2.46 -6.97 27.45
C ALA A 117 1.43 -8.05 27.70
N MET A 118 0.27 -7.96 27.03
CA MET A 118 -0.75 -8.99 27.19
C MET A 118 -0.33 -10.31 26.56
N MET A 119 0.40 -10.26 25.44
CA MET A 119 0.95 -11.50 24.90
C MET A 119 1.91 -12.13 25.89
N VAL A 120 2.73 -11.31 26.56
CA VAL A 120 3.66 -11.83 27.56
C VAL A 120 2.88 -12.45 28.72
N ASP A 121 1.77 -11.82 29.12
CA ASP A 121 0.92 -12.37 30.17
C ASP A 121 0.59 -13.84 29.90
N ILE A 122 0.04 -14.14 28.73
CA ILE A 122 -0.35 -15.51 28.43
C ILE A 122 0.89 -16.39 28.23
N ALA A 123 1.94 -15.86 27.61
CA ALA A 123 3.17 -16.62 27.42
C ALA A 123 3.74 -17.07 28.76
N VAL A 124 3.76 -16.17 29.74
CA VAL A 124 4.24 -16.53 31.08
C VAL A 124 3.39 -17.65 31.68
N GLN A 125 2.07 -17.58 31.49
CA GLN A 125 1.21 -18.63 32.02
C GLN A 125 1.57 -19.98 31.42
N LEU A 126 1.88 -20.01 30.13
CA LEU A 126 2.32 -21.26 29.50
C LEU A 126 3.62 -21.76 30.14
N VAL A 127 4.62 -20.88 30.23
CA VAL A 127 5.90 -21.30 30.81
C VAL A 127 5.71 -21.80 32.25
N GLN A 128 4.89 -21.09 33.04
CA GLN A 128 4.70 -21.51 34.42
C GLN A 128 3.98 -22.85 34.53
N LYS A 129 3.06 -23.14 33.60
CA LYS A 129 2.42 -24.46 33.61
C LYS A 129 3.46 -25.56 33.43
N TRP A 130 4.37 -25.38 32.48
CA TRP A 130 5.37 -26.40 32.21
C TRP A 130 6.41 -26.48 33.34
N GLU A 131 6.75 -25.33 33.95
CA GLU A 131 7.64 -25.34 35.10
C GLU A 131 7.06 -26.16 36.25
N ARG A 132 5.74 -26.25 36.35
CA ARG A 132 5.06 -26.84 37.50
C ARG A 132 4.65 -28.29 37.27
N LEU A 133 5.04 -28.89 36.15
CA LEU A 133 4.77 -30.30 35.93
C LEU A 133 5.71 -31.16 36.77
N ASN A 134 5.21 -32.30 37.20
CA ASN A 134 6.00 -33.23 37.97
C ASN A 134 6.91 -34.05 37.04
N ALA A 135 7.88 -34.71 37.64
CA ALA A 135 8.78 -35.56 36.87
C ALA A 135 8.01 -36.65 36.14
N ASP A 136 8.42 -36.94 34.91
CA ASP A 136 7.84 -37.94 34.02
C ASP A 136 6.44 -37.58 33.53
N GLU A 137 5.89 -36.43 33.91
CA GLU A 137 4.72 -35.90 33.24
C GLU A 137 5.15 -35.28 31.92
N HIS A 138 4.24 -35.27 30.96
CA HIS A 138 4.56 -34.79 29.62
C HIS A 138 3.62 -33.65 29.22
N ILE A 139 3.85 -33.14 28.02
CA ILE A 139 3.16 -31.96 27.51
C ILE A 139 2.40 -32.37 26.25
N GLU A 140 1.12 -32.05 26.21
CA GLU A 140 0.30 -32.20 25.01
C GLU A 140 0.45 -30.90 24.23
N VAL A 141 1.27 -30.92 23.17
CA VAL A 141 1.76 -29.70 22.55
C VAL A 141 0.65 -28.90 21.85
N PRO A 142 -0.09 -29.47 20.88
CA PRO A 142 -1.12 -28.64 20.24
C PRO A 142 -2.20 -28.20 21.20
N GLU A 143 -2.50 -29.02 22.21
CA GLU A 143 -3.49 -28.64 23.21
C GLU A 143 -3.04 -27.42 23.99
N ASP A 144 -1.78 -27.40 24.43
CA ASP A 144 -1.28 -26.24 25.18
C ASP A 144 -1.05 -25.04 24.28
N MET A 145 -0.65 -25.24 23.02
CA MET A 145 -0.52 -24.10 22.12
C MET A 145 -1.87 -23.47 21.82
N THR A 146 -2.94 -24.27 21.80
CA THR A 146 -4.28 -23.72 21.58
C THR A 146 -4.76 -22.96 22.81
N ARG A 147 -4.49 -23.48 24.01
CA ARG A 147 -4.74 -22.71 25.22
C ARG A 147 -4.10 -21.33 25.13
N LEU A 148 -2.86 -21.28 24.64
CA LEU A 148 -2.12 -20.03 24.57
C LEU A 148 -2.70 -19.08 23.54
N THR A 149 -2.92 -19.57 22.32
CA THR A 149 -3.31 -18.67 21.24
C THR A 149 -4.74 -18.17 21.41
N LEU A 150 -5.63 -19.03 21.91
CA LEU A 150 -6.99 -18.57 22.21
C LEU A 150 -6.96 -17.46 23.26
N ASP A 151 -6.27 -17.69 24.38
CA ASP A 151 -6.21 -16.67 25.42
C ASP A 151 -5.59 -15.38 24.90
N THR A 152 -4.61 -15.48 24.00
CA THR A 152 -3.92 -14.29 23.52
C THR A 152 -4.85 -13.42 22.67
N ILE A 153 -5.56 -14.02 21.72
CA ILE A 153 -6.47 -13.22 20.92
C ILE A 153 -7.61 -12.69 21.76
N GLY A 154 -8.09 -13.49 22.73
CA GLY A 154 -9.15 -13.03 23.60
C GLY A 154 -8.74 -11.83 24.45
N LEU A 155 -7.54 -11.87 25.01
CA LEU A 155 -7.06 -10.79 25.87
C LEU A 155 -6.61 -9.58 25.04
N CYS A 156 -5.74 -9.81 24.05
CA CYS A 156 -5.23 -8.70 23.24
C CYS A 156 -6.32 -8.02 22.43
N GLY A 157 -7.24 -8.81 21.86
CA GLY A 157 -8.22 -8.24 20.96
C GLY A 157 -9.46 -7.71 21.64
N PHE A 158 -9.86 -8.33 22.75
CA PHE A 158 -11.17 -8.07 23.33
C PHE A 158 -11.15 -7.87 24.85
N ASN A 159 -9.96 -7.90 25.47
CA ASN A 159 -9.81 -7.78 26.93
C ASN A 159 -10.68 -8.81 27.66
N TYR A 160 -10.87 -9.98 27.05
CA TYR A 160 -11.63 -11.07 27.63
C TYR A 160 -10.68 -12.22 27.95
N ARG A 161 -10.79 -12.76 29.16
CA ARG A 161 -9.93 -13.84 29.62
C ARG A 161 -10.65 -15.17 29.46
N PHE A 162 -10.22 -15.97 28.48
CA PHE A 162 -10.73 -17.33 28.38
C PHE A 162 -10.20 -18.23 29.50
N ASN A 163 -9.09 -17.86 30.12
CA ASN A 163 -8.51 -18.61 31.23
C ASN A 163 -8.37 -20.10 30.88
N SER A 164 -7.75 -20.35 29.72
CA SER A 164 -7.64 -21.73 29.25
C SER A 164 -6.66 -22.55 30.07
N PHE A 165 -5.68 -21.90 30.71
CA PHE A 165 -4.75 -22.64 31.56
C PHE A 165 -5.32 -22.95 32.93
N TYR A 166 -6.55 -22.54 33.20
CA TYR A 166 -7.27 -22.94 34.41
C TYR A 166 -8.23 -24.08 34.17
N ARG A 167 -8.27 -24.63 32.95
CA ARG A 167 -9.21 -25.68 32.59
C ARG A 167 -8.48 -26.94 32.17
N ASP A 168 -9.09 -28.08 32.49
CA ASP A 168 -8.56 -29.36 32.06
C ASP A 168 -8.89 -29.67 30.60
N GLN A 169 -9.97 -29.09 30.07
CA GLN A 169 -10.38 -29.36 28.70
C GLN A 169 -10.65 -28.04 27.97
N PRO A 170 -10.74 -28.02 26.64
CA PRO A 170 -10.90 -26.75 25.92
C PRO A 170 -12.08 -25.93 26.43
N HIS A 171 -11.93 -24.62 26.28
CA HIS A 171 -12.99 -23.70 26.67
C HIS A 171 -14.28 -24.08 25.96
N PRO A 172 -15.43 -24.00 26.65
CA PRO A 172 -16.70 -24.41 26.02
C PRO A 172 -16.99 -23.73 24.69
N PHE A 173 -16.48 -22.51 24.49
CA PHE A 173 -16.68 -21.81 23.21
C PHE A 173 -16.04 -22.59 22.08
N ILE A 174 -14.87 -23.17 22.30
CA ILE A 174 -14.22 -23.96 21.27
C ILE A 174 -14.98 -25.26 21.02
N THR A 175 -15.27 -25.99 22.08
CA THR A 175 -15.98 -27.26 21.94
C THR A 175 -17.34 -27.07 21.28
N SER A 176 -18.04 -25.99 21.62
CA SER A 176 -19.35 -25.75 21.02
C SER A 176 -19.24 -25.46 19.53
N MET A 177 -18.19 -24.73 19.12
CA MET A 177 -18.05 -24.41 17.70
C MET A 177 -17.64 -25.63 16.89
N VAL A 178 -16.66 -26.39 17.39
CA VAL A 178 -16.24 -27.61 16.69
C VAL A 178 -17.42 -28.55 16.52
N ARG A 179 -18.25 -28.69 17.56
CA ARG A 179 -19.41 -29.57 17.47
C ARG A 179 -20.51 -28.96 16.61
N ALA A 180 -20.58 -27.63 16.54
CA ALA A 180 -21.58 -26.98 15.71
C ALA A 180 -21.22 -27.04 14.23
N LEU A 181 -19.93 -26.93 13.90
CA LEU A 181 -19.50 -26.98 12.51
C LEU A 181 -19.75 -28.35 11.89
N ASP A 182 -19.40 -29.42 12.62
CA ASP A 182 -19.62 -30.76 12.09
C ASP A 182 -21.10 -31.11 12.00
N GLU A 183 -21.90 -30.61 12.95
CA GLU A 183 -23.35 -30.83 12.88
C GLU A 183 -23.95 -30.18 11.63
N ALA A 184 -23.41 -29.02 11.22
CA ALA A 184 -23.83 -28.44 9.95
C ALA A 184 -23.30 -29.23 8.76
N MET A 185 -22.16 -29.90 8.92
CA MET A 185 -21.63 -30.77 7.88
C MET A 185 -22.48 -32.00 7.69
N ASN A 186 -22.92 -32.61 8.79
CA ASN A 186 -23.71 -33.82 8.72
C ASN A 186 -25.17 -33.52 8.37
N LYS A 187 -25.66 -32.34 8.73
CA LYS A 187 -27.05 -31.98 8.44
C LYS A 187 -27.34 -31.98 6.96
N LEU A 188 -26.33 -31.79 6.11
CA LEU A 188 -26.51 -31.82 4.66
C LEU A 188 -26.86 -33.19 4.13
N GLN A 189 -26.78 -34.24 4.95
CA GLN A 189 -27.03 -35.60 4.50
C GLN A 189 -27.94 -36.36 5.47
N ASP A 194 -34.55 -35.77 9.15
CA ASP A 194 -35.63 -35.01 9.75
C ASP A 194 -36.42 -35.99 10.60
N ASP A 195 -35.66 -36.80 11.25
CA ASP A 195 -35.87 -38.07 11.89
C ASP A 195 -36.11 -37.90 13.39
N PRO A 196 -36.76 -38.86 14.05
CA PRO A 196 -36.87 -38.76 15.51
C PRO A 196 -35.53 -38.66 16.22
N ALA A 197 -34.57 -39.51 15.85
CA ALA A 197 -33.32 -39.63 16.59
C ALA A 197 -32.38 -38.46 16.40
N TYR A 198 -32.72 -37.45 15.59
CA TYR A 198 -31.93 -36.23 15.47
C TYR A 198 -32.43 -35.11 16.36
N ASP A 199 -33.51 -35.33 17.11
CA ASP A 199 -33.99 -34.30 18.01
C ASP A 199 -32.94 -33.94 19.07
N GLU A 200 -32.02 -34.86 19.35
CA GLU A 200 -30.90 -34.54 20.22
C GLU A 200 -29.82 -33.74 19.49
N ASN A 201 -29.63 -34.00 18.20
CA ASN A 201 -28.60 -33.27 17.45
C ASN A 201 -28.99 -31.81 17.24
N LYS A 202 -30.27 -31.55 16.92
CA LYS A 202 -30.76 -30.19 16.64
C LYS A 202 -30.80 -29.31 17.85
N ARG A 203 -30.13 -29.75 18.90
CA ARG A 203 -30.21 -29.16 20.22
C ARG A 203 -28.84 -28.82 20.70
N GLN A 204 -28.02 -29.88 20.80
CA GLN A 204 -26.58 -29.74 20.86
C GLN A 204 -26.21 -28.63 19.90
N PHE A 205 -26.87 -28.58 18.74
CA PHE A 205 -26.72 -27.44 17.85
C PHE A 205 -27.23 -26.15 18.49
N GLN A 206 -28.50 -26.13 18.93
CA GLN A 206 -29.09 -24.89 19.44
C GLN A 206 -28.34 -24.38 20.66
N GLU A 207 -27.97 -25.28 21.57
CA GLU A 207 -27.20 -24.84 22.74
C GLU A 207 -25.78 -24.44 22.36
N ASP A 208 -25.22 -25.03 21.30
CA ASP A 208 -23.91 -24.59 20.83
C ASP A 208 -23.98 -23.19 20.25
N ILE A 209 -24.99 -22.91 19.44
CA ILE A 209 -25.20 -21.57 18.92
C ILE A 209 -25.39 -20.58 20.06
N LYS A 210 -26.09 -20.99 21.12
CA LYS A 210 -26.31 -20.10 22.24
C LYS A 210 -25.02 -19.85 23.02
N VAL A 211 -24.20 -20.89 23.21
CA VAL A 211 -22.94 -20.73 23.92
C VAL A 211 -22.08 -19.66 23.25
N MET A 212 -22.10 -19.61 21.93
CA MET A 212 -21.25 -18.67 21.21
C MET A 212 -21.88 -17.28 21.12
N ASN A 213 -23.21 -17.22 20.92
CA ASN A 213 -23.89 -15.93 20.97
C ASN A 213 -23.76 -15.31 22.36
N ASP A 214 -23.80 -16.13 23.41
CA ASP A 214 -23.66 -15.60 24.76
C ASP A 214 -22.27 -15.00 24.98
N LEU A 215 -21.23 -15.65 24.45
CA LEU A 215 -19.88 -15.11 24.59
C LEU A 215 -19.73 -13.80 23.84
N VAL A 216 -20.21 -13.74 22.60
CA VAL A 216 -20.13 -12.51 21.82
C VAL A 216 -20.91 -11.39 22.52
N ASP A 217 -22.12 -11.70 23.01
CA ASP A 217 -22.87 -10.72 23.79
C ASP A 217 -22.07 -10.23 24.99
N LYS A 218 -21.43 -11.16 25.71
CA LYS A 218 -20.70 -10.79 26.92
C LYS A 218 -19.48 -9.94 26.59
N ILE A 219 -18.77 -10.27 25.51
CA ILE A 219 -17.60 -9.48 25.12
C ILE A 219 -18.00 -8.04 24.83
N ILE A 220 -19.15 -7.86 24.17
CA ILE A 220 -19.62 -6.51 23.85
C ILE A 220 -20.11 -5.81 25.11
N ALA A 221 -20.86 -6.53 25.96
CA ALA A 221 -21.45 -5.90 27.13
C ALA A 221 -20.38 -5.54 28.16
N ASP A 222 -19.39 -6.42 28.36
CA ASP A 222 -18.29 -6.10 29.26
C ASP A 222 -17.60 -4.81 28.86
N ARG A 223 -17.39 -4.60 27.57
CA ARG A 223 -16.70 -3.39 27.10
C ARG A 223 -17.56 -2.15 27.35
N LYS A 224 -18.87 -2.25 27.13
CA LYS A 224 -19.72 -1.08 27.27
C LYS A 224 -19.94 -0.71 28.74
N ALA A 225 -19.82 -1.67 29.64
CA ALA A 225 -19.93 -1.41 31.07
C ALA A 225 -18.60 -1.05 31.71
N SER A 226 -17.51 -1.05 30.95
CA SER A 226 -16.18 -0.85 31.49
C SER A 226 -15.84 0.63 31.56
N GLY A 227 -15.41 1.09 32.73
CA GLY A 227 -14.65 2.33 32.81
C GLY A 227 -13.34 2.10 32.10
N GLU A 228 -13.34 2.27 30.79
CA GLU A 228 -12.38 1.60 29.92
C GLU A 228 -11.17 2.48 29.64
N GLN A 229 -9.99 1.93 29.96
CA GLN A 229 -8.73 2.41 29.38
C GLN A 229 -8.35 1.56 28.19
N SER A 230 -9.32 1.21 27.35
CA SER A 230 -9.15 0.18 26.33
C SER A 230 -9.04 0.81 24.95
N ASP A 231 -8.03 0.37 24.19
CA ASP A 231 -7.87 0.74 22.78
C ASP A 231 -7.27 -0.47 22.08
N ASP A 232 -8.15 -1.43 21.76
CA ASP A 232 -7.72 -2.69 21.17
C ASP A 232 -8.56 -2.93 19.91
N LEU A 233 -8.56 -4.18 19.45
CA LEU A 233 -9.30 -4.53 18.24
C LEU A 233 -10.79 -4.29 18.42
N LEU A 234 -11.32 -4.63 19.60
CA LEU A 234 -12.75 -4.43 19.86
C LEU A 234 -13.11 -2.95 19.87
N THR A 235 -12.22 -2.11 20.38
CA THR A 235 -12.44 -0.66 20.36
C THR A 235 -12.72 -0.17 18.95
N HIS A 236 -11.89 -0.58 17.99
CA HIS A 236 -12.07 -0.14 16.61
C HIS A 236 -13.29 -0.76 15.97
N MET A 237 -13.62 -2.01 16.30
CA MET A 237 -14.86 -2.62 15.80
C MET A 237 -16.07 -1.77 16.14
N LEU A 238 -16.15 -1.32 17.40
CA LEU A 238 -17.35 -0.65 17.89
C LEU A 238 -17.39 0.82 17.54
N ASN A 239 -16.24 1.49 17.48
CA ASN A 239 -16.21 2.94 17.35
C ASN A 239 -15.42 3.46 16.16
N GLY A 240 -14.64 2.61 15.50
CA GLY A 240 -13.88 3.05 14.34
C GLY A 240 -14.78 3.53 13.20
N LYS A 241 -14.45 4.68 12.63
CA LYS A 241 -15.19 5.23 11.51
C LYS A 241 -14.47 4.92 10.21
N ASP A 242 -15.23 4.58 9.19
CA ASP A 242 -14.64 4.27 7.89
C ASP A 242 -14.06 5.53 7.26
N PRO A 243 -12.79 5.53 6.86
CA PRO A 243 -12.23 6.72 6.19
C PRO A 243 -12.97 7.09 4.91
N GLU A 244 -13.53 6.12 4.20
CA GLU A 244 -14.28 6.44 2.99
C GLU A 244 -15.65 7.02 3.32
N THR A 245 -16.48 6.25 4.04
CA THR A 245 -17.87 6.62 4.26
C THR A 245 -18.09 7.40 5.55
N GLY A 246 -17.16 7.35 6.50
CA GLY A 246 -17.34 8.05 7.75
C GLY A 246 -18.30 7.38 8.73
N GLU A 247 -18.73 6.15 8.45
CA GLU A 247 -19.66 5.40 9.28
C GLU A 247 -18.97 4.22 9.94
N PRO A 248 -19.41 3.82 11.13
CA PRO A 248 -18.87 2.60 11.75
C PRO A 248 -19.55 1.36 11.20
N LEU A 249 -18.96 0.21 11.50
CA LEU A 249 -19.58 -1.06 11.13
C LEU A 249 -20.94 -1.19 11.80
N ASP A 250 -21.88 -1.82 11.09
CA ASP A 250 -23.19 -2.08 11.66
C ASP A 250 -23.12 -3.21 12.68
N ASP A 251 -24.15 -3.30 13.52
CA ASP A 251 -24.13 -4.23 14.65
C ASP A 251 -23.98 -5.67 14.19
N GLU A 252 -24.67 -6.05 13.12
CA GLU A 252 -24.59 -7.43 12.65
C GLU A 252 -23.18 -7.76 12.18
N ASN A 253 -22.57 -6.87 11.39
CA ASN A 253 -21.23 -7.15 10.90
C ASN A 253 -20.22 -7.23 12.04
N ILE A 254 -20.42 -6.43 13.09
CA ILE A 254 -19.52 -6.47 14.24
C ILE A 254 -19.54 -7.86 14.89
N ARG A 255 -20.74 -8.43 15.07
CA ARG A 255 -20.82 -9.78 15.62
C ARG A 255 -20.05 -10.77 14.76
N TYR A 256 -20.19 -10.67 13.43
CA TYR A 256 -19.46 -11.56 12.53
C TYR A 256 -17.96 -11.35 12.65
N GLN A 257 -17.51 -10.10 12.80
CA GLN A 257 -16.09 -9.85 12.94
C GLN A 257 -15.54 -10.40 14.26
N ILE A 258 -16.33 -10.37 15.33
CA ILE A 258 -15.86 -10.88 16.61
C ILE A 258 -15.63 -12.39 16.53
N ILE A 259 -16.61 -13.12 15.98
CA ILE A 259 -16.46 -14.55 15.81
C ILE A 259 -15.34 -14.86 14.81
N THR A 260 -15.23 -14.06 13.76
CA THR A 260 -14.17 -14.26 12.76
C THR A 260 -12.79 -14.17 13.41
N PHE A 261 -12.55 -13.11 14.17
CA PHE A 261 -11.21 -12.90 14.71
C PHE A 261 -10.92 -13.82 15.89
N LEU A 262 -11.95 -14.24 16.64
CA LEU A 262 -11.72 -15.21 17.71
C LEU A 262 -11.18 -16.52 17.15
N ILE A 263 -11.70 -16.96 16.01
CA ILE A 263 -11.26 -18.22 15.43
C ILE A 263 -9.99 -18.03 14.62
N ALA A 264 -10.03 -17.11 13.65
CA ALA A 264 -8.84 -16.86 12.83
C ALA A 264 -7.64 -16.48 13.69
N GLY A 265 -7.90 -15.79 14.81
CA GLY A 265 -6.83 -15.29 15.65
C GLY A 265 -6.08 -16.35 16.44
N HIS A 266 -6.53 -17.61 16.45
CA HIS A 266 -5.81 -18.57 17.29
C HIS A 266 -5.50 -19.92 16.66
N GLU A 267 -6.31 -20.42 15.71
CA GLU A 267 -6.12 -21.81 15.26
C GLU A 267 -4.82 -21.97 14.47
N THR A 268 -4.61 -21.13 13.45
CA THR A 268 -3.44 -21.30 12.58
C THR A 268 -2.14 -21.01 13.31
N THR A 269 -2.17 -20.10 14.30
CA THR A 269 -0.96 -19.82 15.08
C THR A 269 -0.62 -20.97 16.01
N SER A 270 -1.63 -21.66 16.54
CA SER A 270 -1.38 -22.83 17.37
CA SER A 270 -1.36 -22.83 17.38
C SER A 270 -0.74 -23.95 16.57
N GLY A 271 -1.19 -24.14 15.33
CA GLY A 271 -0.58 -25.14 14.48
C GLY A 271 0.86 -24.80 14.12
N LEU A 272 1.15 -23.50 13.91
CA LEU A 272 2.50 -23.08 13.59
C LEU A 272 3.46 -23.39 14.73
N LEU A 273 3.09 -23.02 15.96
CA LEU A 273 3.95 -23.30 17.10
C LEU A 273 4.11 -24.80 17.32
N SER A 274 3.04 -25.56 17.09
CA SER A 274 3.12 -27.02 17.24
C SER A 274 4.06 -27.62 16.20
N PHE A 275 3.93 -27.21 14.94
CA PHE A 275 4.80 -27.74 13.90
C PHE A 275 6.24 -27.32 14.12
N ALA A 276 6.45 -26.07 14.55
CA ALA A 276 7.82 -25.60 14.79
C ALA A 276 8.50 -26.41 15.88
N LEU A 277 7.79 -26.71 16.97
CA LEU A 277 8.39 -27.52 18.03
C LEU A 277 8.62 -28.95 17.55
N TYR A 278 7.71 -29.48 16.72
CA TYR A 278 7.92 -30.80 16.14
C TYR A 278 9.21 -30.86 15.34
N PHE A 279 9.41 -29.89 14.45
CA PHE A 279 10.60 -29.88 13.63
C PHE A 279 11.86 -29.65 14.45
N LEU A 280 11.76 -28.86 15.51
CA LEU A 280 12.93 -28.61 16.35
C LEU A 280 13.38 -29.87 17.08
N VAL A 281 12.43 -30.64 17.64
CA VAL A 281 12.83 -31.85 18.35
C VAL A 281 13.27 -32.96 17.39
N LYS A 282 12.80 -32.94 16.14
CA LYS A 282 13.27 -33.89 15.13
C LYS A 282 14.60 -33.49 14.50
N ASN A 283 15.07 -32.26 14.75
CA ASN A 283 16.33 -31.74 14.19
C ASN A 283 17.11 -31.11 15.33
N PRO A 284 17.74 -31.92 16.18
CA PRO A 284 18.36 -31.39 17.41
C PRO A 284 19.41 -30.32 17.16
N HIS A 285 20.05 -30.33 15.99
CA HIS A 285 21.06 -29.30 15.70
C HIS A 285 20.42 -27.94 15.49
N VAL A 286 19.23 -27.90 14.88
CA VAL A 286 18.53 -26.63 14.70
C VAL A 286 17.98 -26.12 16.03
N LEU A 287 17.46 -27.03 16.86
CA LEU A 287 16.96 -26.65 18.18
C LEU A 287 18.07 -26.06 19.02
N GLN A 288 19.23 -26.71 19.05
CA GLN A 288 20.37 -26.19 19.79
C GLN A 288 20.75 -24.78 19.32
N LYS A 289 20.69 -24.55 18.02
CA LYS A 289 21.05 -23.24 17.48
C LYS A 289 20.00 -22.20 17.86
N ALA A 290 18.72 -22.54 17.76
CA ALA A 290 17.67 -21.60 18.15
C ALA A 290 17.69 -21.36 19.65
N ALA A 291 17.94 -22.41 20.45
CA ALA A 291 18.04 -22.24 21.89
C ALA A 291 19.20 -21.32 22.26
N GLU A 292 20.31 -21.38 21.52
CA GLU A 292 21.43 -20.49 21.80
C GLU A 292 21.05 -19.04 21.57
N GLU A 293 20.26 -18.77 20.52
CA GLU A 293 19.82 -17.39 20.29
C GLU A 293 18.86 -16.92 21.37
N ALA A 294 17.93 -17.79 21.78
CA ALA A 294 17.00 -17.42 22.86
C ALA A 294 17.78 -17.04 24.12
N ALA A 295 18.71 -17.88 24.55
CA ALA A 295 19.50 -17.57 25.74
C ALA A 295 20.31 -16.30 25.55
N ARG A 296 20.86 -16.09 24.36
CA ARG A 296 21.70 -14.90 24.13
C ARG A 296 20.86 -13.63 24.13
N VAL A 297 19.66 -13.67 23.55
CA VAL A 297 18.89 -12.46 23.32
C VAL A 297 17.96 -12.14 24.48
N LEU A 298 17.31 -13.15 25.06
CA LEU A 298 16.30 -12.92 26.09
C LEU A 298 16.96 -12.89 27.45
N VAL A 299 17.61 -11.74 27.74
CA VAL A 299 18.39 -11.61 28.98
C VAL A 299 17.56 -11.11 30.16
N ASP A 300 16.33 -10.68 29.94
CA ASP A 300 15.47 -10.13 30.99
C ASP A 300 14.45 -11.16 31.44
N PRO A 301 13.90 -11.01 32.66
CA PRO A 301 12.93 -12.00 33.15
C PRO A 301 11.72 -12.17 32.25
N VAL A 302 11.18 -11.08 31.70
CA VAL A 302 10.15 -11.17 30.66
C VAL A 302 10.71 -10.52 29.41
N PRO A 303 10.42 -11.05 28.23
CA PRO A 303 10.96 -10.45 27.00
C PRO A 303 10.30 -9.12 26.71
N SER A 304 11.07 -8.23 26.11
CA SER A 304 10.58 -6.95 25.63
C SER A 304 10.25 -7.05 24.14
N TYR A 305 9.51 -6.05 23.66
CA TYR A 305 9.15 -5.99 22.25
C TYR A 305 10.40 -5.99 21.37
N LYS A 306 11.39 -5.17 21.71
CA LYS A 306 12.62 -5.10 20.92
C LYS A 306 13.39 -6.41 20.95
N GLN A 307 13.36 -7.13 22.08
CA GLN A 307 14.09 -8.38 22.18
C GLN A 307 13.49 -9.44 21.27
N VAL A 308 12.15 -9.48 21.17
CA VAL A 308 11.51 -10.42 20.26
C VAL A 308 11.89 -10.12 18.81
N LYS A 309 11.93 -8.83 18.44
CA LYS A 309 12.32 -8.45 17.09
C LYS A 309 13.78 -8.81 16.77
N GLN A 310 14.58 -9.21 17.76
CA GLN A 310 15.95 -9.63 17.53
C GLN A 310 16.12 -11.14 17.51
N LEU A 311 15.03 -11.90 17.68
CA LEU A 311 15.08 -13.36 17.60
C LEU A 311 15.04 -13.77 16.12
N LYS A 312 16.13 -13.43 15.42
CA LYS A 312 16.20 -13.61 13.97
C LYS A 312 16.09 -15.09 13.59
N TYR A 313 16.85 -15.95 14.26
CA TYR A 313 16.84 -17.36 13.87
C TYR A 313 15.51 -18.02 14.24
N VAL A 314 14.91 -17.62 15.36
CA VAL A 314 13.60 -18.14 15.73
C VAL A 314 12.57 -17.82 14.65
N GLY A 315 12.61 -16.59 14.14
CA GLY A 315 11.72 -16.24 13.03
C GLY A 315 11.97 -17.04 11.77
N MET A 316 13.23 -17.45 11.56
CA MET A 316 13.55 -18.31 10.42
C MET A 316 13.04 -19.72 10.66
N VAL A 317 13.11 -20.19 11.91
CA VAL A 317 12.53 -21.49 12.25
C VAL A 317 11.03 -21.48 11.98
N LEU A 318 10.37 -20.35 12.28
CA LEU A 318 8.93 -20.23 12.09
C LEU A 318 8.56 -20.23 10.61
N ASN A 319 9.30 -19.49 9.79
CA ASN A 319 9.04 -19.48 8.35
C ASN A 319 9.30 -20.83 7.71
N GLU A 320 10.29 -21.57 8.18
CA GLU A 320 10.54 -22.89 7.62
C GLU A 320 9.46 -23.88 8.05
N ALA A 321 8.88 -23.69 9.24
CA ALA A 321 7.72 -24.50 9.59
C ALA A 321 6.50 -24.12 8.75
N LEU A 322 6.37 -22.82 8.42
CA LEU A 322 5.30 -22.39 7.52
C LEU A 322 5.57 -22.84 6.08
N ARG A 323 6.84 -23.00 5.70
CA ARG A 323 7.14 -23.53 4.37
C ARG A 323 6.61 -24.96 4.24
N LEU A 324 6.98 -25.83 5.18
CA LEU A 324 6.62 -27.24 5.06
C LEU A 324 5.13 -27.48 5.32
N TRP A 325 4.56 -26.85 6.36
CA TRP A 325 3.16 -27.05 6.70
C TRP A 325 2.48 -25.73 7.00
N PRO A 326 2.18 -24.96 5.96
CA PRO A 326 1.42 -23.72 6.14
C PRO A 326 0.01 -24.04 6.66
N THR A 327 -0.32 -23.49 7.82
CA THR A 327 -1.46 -23.96 8.57
C THR A 327 -2.80 -23.50 8.00
N ALA A 328 -2.78 -22.62 6.99
CA ALA A 328 -3.94 -22.28 6.18
C ALA A 328 -3.59 -22.69 4.75
N PRO A 329 -3.67 -23.99 4.44
CA PRO A 329 -2.90 -24.55 3.31
C PRO A 329 -3.42 -24.23 1.91
N ALA A 330 -4.56 -23.56 1.75
CA ALA A 330 -5.02 -23.24 0.41
C ALA A 330 -5.84 -21.97 0.42
N PHE A 331 -5.81 -21.24 -0.69
CA PHE A 331 -6.72 -20.13 -0.90
C PHE A 331 -7.14 -20.13 -2.37
N SER A 332 -8.32 -19.58 -2.63
CA SER A 332 -8.99 -19.72 -3.91
C SER A 332 -9.08 -18.38 -4.63
N LEU A 333 -8.97 -18.44 -5.96
CA LEU A 333 -9.03 -17.26 -6.81
C LEU A 333 -9.96 -17.54 -7.98
N TYR A 334 -10.46 -16.46 -8.59
CA TYR A 334 -11.29 -16.59 -9.78
C TYR A 334 -10.80 -15.63 -10.85
N ALA A 335 -10.89 -16.06 -12.11
CA ALA A 335 -10.47 -15.25 -13.25
C ALA A 335 -11.46 -14.11 -13.47
N LYS A 336 -10.97 -12.87 -13.40
CA LYS A 336 -11.82 -11.70 -13.62
C LYS A 336 -12.30 -11.61 -15.07
N GLU A 337 -11.48 -12.04 -16.02
CA GLU A 337 -11.83 -12.07 -17.43
C GLU A 337 -11.20 -13.31 -18.06
N ASP A 338 -11.59 -13.60 -19.30
CA ASP A 338 -10.92 -14.64 -20.06
C ASP A 338 -9.42 -14.35 -20.12
N THR A 339 -8.60 -15.37 -19.88
CA THR A 339 -7.16 -15.19 -19.85
C THR A 339 -6.49 -16.54 -20.05
N VAL A 340 -5.22 -16.51 -20.44
CA VAL A 340 -4.43 -17.71 -20.64
C VAL A 340 -3.40 -17.79 -19.52
N LEU A 341 -3.40 -18.90 -18.79
CA LEU A 341 -2.51 -19.08 -17.65
C LEU A 341 -1.23 -19.77 -18.10
N GLY A 342 -0.11 -19.09 -17.92
CA GLY A 342 1.19 -19.68 -18.24
C GLY A 342 1.38 -19.99 -19.70
N GLY A 343 0.71 -19.26 -20.59
CA GLY A 343 0.86 -19.45 -22.03
C GLY A 343 0.41 -20.81 -22.52
N GLU A 344 -0.31 -21.56 -21.70
CA GLU A 344 -0.69 -22.92 -22.03
C GLU A 344 -2.14 -23.24 -21.73
N TYR A 345 -2.71 -22.69 -20.65
CA TYR A 345 -4.01 -23.12 -20.14
C TYR A 345 -5.04 -22.01 -20.25
N PRO A 346 -5.94 -22.07 -21.24
CA PRO A 346 -6.97 -21.03 -21.35
C PRO A 346 -7.97 -21.13 -20.21
N LEU A 347 -8.35 -19.97 -19.69
CA LEU A 347 -9.31 -19.86 -18.61
C LEU A 347 -10.47 -18.97 -19.03
N GLU A 348 -11.66 -19.31 -18.57
CA GLU A 348 -12.85 -18.51 -18.81
C GLU A 348 -13.11 -17.62 -17.60
N LYS A 349 -13.77 -16.49 -17.86
CA LYS A 349 -14.20 -15.59 -16.79
C LYS A 349 -14.98 -16.36 -15.73
N GLY A 350 -14.58 -16.22 -14.47
CA GLY A 350 -15.21 -16.92 -13.37
C GLY A 350 -14.55 -18.22 -12.97
N ASP A 351 -13.65 -18.76 -13.79
CA ASP A 351 -13.00 -20.03 -13.48
C ASP A 351 -12.22 -19.93 -12.16
N GLU A 352 -12.28 -21.00 -11.37
CA GLU A 352 -11.68 -21.02 -10.04
C GLU A 352 -10.30 -21.64 -10.08
N LEU A 353 -9.35 -21.01 -9.39
CA LEU A 353 -8.02 -21.56 -9.15
C LEU A 353 -7.82 -21.75 -7.65
N MET A 354 -7.21 -22.87 -7.28
CA MET A 354 -6.93 -23.15 -5.88
C MET A 354 -5.42 -23.27 -5.70
N VAL A 355 -4.85 -22.37 -4.90
CA VAL A 355 -3.41 -22.38 -4.65
C VAL A 355 -3.12 -23.41 -3.56
N LEU A 356 -2.38 -24.46 -3.92
CA LEU A 356 -2.04 -25.52 -2.96
C LEU A 356 -0.70 -25.16 -2.33
N ILE A 357 -0.76 -24.40 -1.23
CA ILE A 357 0.45 -23.80 -0.65
C ILE A 357 1.52 -24.84 -0.31
N PRO A 358 1.21 -25.95 0.37
CA PRO A 358 2.30 -26.89 0.72
C PRO A 358 3.06 -27.39 -0.50
N GLN A 359 2.37 -27.59 -1.62
CA GLN A 359 3.04 -28.05 -2.83
C GLN A 359 3.86 -26.93 -3.45
N LEU A 360 3.31 -25.72 -3.49
CA LEU A 360 4.09 -24.55 -3.91
C LEU A 360 5.39 -24.46 -3.12
N HIS A 361 5.32 -24.65 -1.81
CA HIS A 361 6.49 -24.57 -0.95
C HIS A 361 7.44 -25.75 -1.10
N ARG A 362 7.09 -26.75 -1.93
CA ARG A 362 7.95 -27.87 -2.22
C ARG A 362 8.43 -27.86 -3.66
N ASP A 363 8.37 -26.71 -4.32
CA ASP A 363 8.80 -26.55 -5.71
C ASP A 363 10.32 -26.59 -5.78
N LYS A 364 10.86 -27.64 -6.41
CA LYS A 364 12.31 -27.83 -6.46
C LYS A 364 13.00 -26.79 -7.32
N THR A 365 12.32 -26.29 -8.35
CA THR A 365 12.91 -25.25 -9.18
C THR A 365 13.12 -23.96 -8.42
N ILE A 366 12.54 -23.83 -7.23
CA ILE A 366 12.71 -22.66 -6.38
C ILE A 366 13.62 -22.95 -5.19
N TRP A 367 13.42 -24.09 -4.53
CA TRP A 367 14.07 -24.39 -3.26
C TRP A 367 15.19 -25.43 -3.36
N GLY A 368 15.35 -26.09 -4.49
CA GLY A 368 16.34 -27.14 -4.59
C GLY A 368 15.75 -28.50 -4.30
N ASP A 369 16.62 -29.52 -4.39
CA ASP A 369 16.13 -30.90 -4.28
C ASP A 369 15.70 -31.25 -2.85
N ASP A 370 16.30 -30.61 -1.85
CA ASP A 370 16.08 -30.98 -0.45
C ASP A 370 14.84 -30.33 0.17
N VAL A 371 13.75 -30.22 -0.59
CA VAL A 371 12.57 -29.47 -0.12
C VAL A 371 11.98 -30.05 1.16
N GLU A 372 12.22 -31.34 1.43
CA GLU A 372 11.66 -31.97 2.61
C GLU A 372 12.49 -31.77 3.88
N GLU A 373 13.72 -31.27 3.76
CA GLU A 373 14.56 -31.07 4.94
C GLU A 373 14.18 -29.78 5.64
N PHE A 374 14.26 -29.80 6.98
CA PHE A 374 13.97 -28.62 7.78
C PHE A 374 15.26 -27.82 7.92
N ARG A 375 15.38 -26.75 7.14
CA ARG A 375 16.59 -25.91 7.12
CA ARG A 375 16.59 -25.91 7.11
C ARG A 375 16.18 -24.45 7.20
N PRO A 376 16.09 -23.89 8.42
CA PRO A 376 15.70 -22.48 8.54
C PRO A 376 16.63 -21.53 7.82
N GLU A 377 17.90 -21.91 7.62
CA GLU A 377 18.86 -21.04 6.95
C GLU A 377 18.44 -20.69 5.53
N ARG A 378 17.47 -21.40 4.94
CA ARG A 378 16.89 -20.98 3.68
C ARG A 378 16.44 -19.53 3.69
N PHE A 379 16.04 -19.02 4.87
CA PHE A 379 15.46 -17.70 5.00
C PHE A 379 16.44 -16.66 5.54
N GLU A 380 17.75 -16.93 5.45
CA GLU A 380 18.71 -15.98 5.99
C GLU A 380 18.72 -14.68 5.20
N ASN A 381 18.61 -14.77 3.87
CA ASN A 381 18.54 -13.61 3.01
C ASN A 381 17.16 -13.57 2.34
N PRO A 382 16.22 -12.75 2.83
CA PRO A 382 14.88 -12.74 2.23
C PRO A 382 14.87 -12.31 0.77
N SER A 383 15.89 -11.58 0.30
CA SER A 383 15.93 -11.17 -1.10
C SER A 383 16.28 -12.32 -2.04
N ALA A 384 16.76 -13.44 -1.51
CA ALA A 384 17.03 -14.61 -2.35
C ALA A 384 15.80 -15.45 -2.60
N ILE A 385 14.68 -15.13 -1.96
CA ILE A 385 13.42 -15.87 -2.13
C ILE A 385 12.61 -15.15 -3.21
N PRO A 386 12.37 -15.78 -4.36
CA PRO A 386 11.64 -15.10 -5.44
C PRO A 386 10.22 -14.73 -5.04
N GLN A 387 9.68 -13.75 -5.76
CA GLN A 387 8.34 -13.27 -5.50
C GLN A 387 7.32 -14.38 -5.71
N HIS A 388 6.37 -14.47 -4.78
CA HIS A 388 5.25 -15.41 -4.79
C HIS A 388 5.70 -16.86 -4.63
N ALA A 389 6.93 -17.10 -4.21
CA ALA A 389 7.37 -18.46 -3.91
C ALA A 389 6.93 -18.91 -2.51
N PHE A 390 6.73 -17.96 -1.60
CA PHE A 390 6.42 -18.23 -0.20
C PHE A 390 5.16 -17.46 0.14
N LYS A 391 4.04 -18.17 0.29
CA LYS A 391 2.73 -17.51 0.44
C LYS A 391 1.92 -18.08 1.59
N PRO A 392 2.51 -18.21 2.79
CA PRO A 392 1.73 -18.76 3.91
C PRO A 392 0.61 -17.85 4.37
N PHE A 393 0.64 -16.56 4.03
CA PHE A 393 -0.37 -15.61 4.48
C PHE A 393 -1.23 -15.07 3.34
N GLY A 394 -1.38 -15.84 2.27
CA GLY A 394 -2.23 -15.40 1.18
C GLY A 394 -1.57 -14.35 0.31
N ASN A 395 -2.40 -13.58 -0.38
CA ASN A 395 -1.90 -12.73 -1.45
C ASN A 395 -2.64 -11.40 -1.53
N GLY A 396 -1.91 -10.34 -1.87
CA GLY A 396 -2.49 -9.08 -2.28
C GLY A 396 -3.31 -8.41 -1.20
N GLN A 397 -4.33 -7.67 -1.64
CA GLN A 397 -5.20 -6.96 -0.70
C GLN A 397 -5.99 -7.92 0.18
N ARG A 398 -6.11 -9.19 -0.19
CA ARG A 398 -6.79 -10.18 0.63
C ARG A 398 -5.82 -11.06 1.41
N ALA A 399 -4.58 -10.60 1.60
CA ALA A 399 -3.65 -11.34 2.42
C ALA A 399 -4.05 -11.25 3.89
N CYS A 400 -3.40 -12.05 4.71
CA CYS A 400 -3.76 -12.16 6.12
C CYS A 400 -3.53 -10.85 6.86
N ILE A 401 -4.60 -10.25 7.38
CA ILE A 401 -4.45 -9.02 8.13
C ILE A 401 -3.74 -9.27 9.46
N GLY A 402 -3.72 -10.51 9.94
CA GLY A 402 -3.14 -10.81 11.23
C GLY A 402 -1.76 -11.40 11.17
N GLN A 403 -1.08 -11.26 10.02
CA GLN A 403 0.22 -11.89 9.83
C GLN A 403 1.22 -11.46 10.90
N GLN A 404 1.31 -10.15 11.14
CA GLN A 404 2.28 -9.65 12.11
C GLN A 404 1.90 -10.06 13.53
N PHE A 405 0.60 -10.04 13.84
CA PHE A 405 0.13 -10.54 15.13
C PHE A 405 0.59 -11.97 15.37
N ALA A 406 0.34 -12.86 14.41
CA ALA A 406 0.70 -14.27 14.58
C ALA A 406 2.20 -14.45 14.77
N LEU A 407 3.00 -13.79 13.95
CA LEU A 407 4.44 -14.01 13.99
C LEU A 407 5.07 -13.42 15.24
N HIS A 408 4.56 -12.28 15.71
CA HIS A 408 5.10 -11.72 16.95
C HIS A 408 4.79 -12.64 18.12
N GLU A 409 3.53 -13.07 18.25
CA GLU A 409 3.16 -14.02 19.29
C GLU A 409 3.99 -15.29 19.20
N ALA A 410 4.11 -15.87 18.01
CA ALA A 410 4.82 -17.14 17.88
C ALA A 410 6.31 -16.97 18.17
N THR A 411 6.90 -15.85 17.76
CA THR A 411 8.33 -15.65 18.03
C THR A 411 8.58 -15.47 19.52
N LEU A 412 7.78 -14.61 20.17
CA LEU A 412 7.90 -14.42 21.60
C LEU A 412 7.78 -15.74 22.34
N VAL A 413 6.74 -16.52 22.02
CA VAL A 413 6.45 -17.74 22.77
C VAL A 413 7.53 -18.79 22.54
N LEU A 414 7.87 -19.04 21.28
CA LEU A 414 8.90 -20.05 20.99
C LEU A 414 10.24 -19.65 21.61
N GLY A 415 10.56 -18.36 21.61
CA GLY A 415 11.76 -17.89 22.28
C GLY A 415 11.76 -18.21 23.76
N MET A 416 10.64 -17.97 24.43
CA MET A 416 10.56 -18.25 25.86
C MET A 416 10.61 -19.74 26.14
N MET A 417 10.00 -20.54 25.26
CA MET A 417 10.10 -21.98 25.39
C MET A 417 11.55 -22.44 25.32
N LEU A 418 12.29 -21.92 24.34
CA LEU A 418 13.67 -22.35 24.15
C LEU A 418 14.58 -21.85 25.25
N LYS A 419 14.25 -20.69 25.84
CA LYS A 419 15.05 -20.16 26.93
C LYS A 419 14.92 -21.00 28.20
N HIS A 420 13.75 -21.58 28.46
CA HIS A 420 13.46 -22.13 29.78
C HIS A 420 13.48 -23.65 29.86
N PHE A 421 13.46 -24.36 28.73
CA PHE A 421 13.34 -25.81 28.78
C PHE A 421 14.21 -26.47 27.72
N ASP A 422 14.73 -27.65 28.08
CA ASP A 422 15.16 -28.63 27.12
C ASP A 422 14.00 -29.55 26.80
N PHE A 423 13.93 -30.01 25.56
CA PHE A 423 12.79 -30.79 25.09
C PHE A 423 13.24 -32.17 24.65
N GLU A 424 12.45 -33.18 25.01
CA GLU A 424 12.74 -34.57 24.68
C GLU A 424 11.55 -35.15 23.90
N ASP A 425 11.84 -35.67 22.71
CA ASP A 425 10.85 -36.43 21.93
C ASP A 425 10.77 -37.84 22.50
N HIS A 426 10.12 -37.94 23.67
CA HIS A 426 10.23 -39.15 24.48
C HIS A 426 9.49 -40.35 23.91
N THR A 427 8.51 -40.14 23.04
CA THR A 427 7.79 -41.25 22.43
C THR A 427 8.28 -41.57 21.03
N ASN A 428 9.24 -40.82 20.51
CA ASN A 428 9.62 -40.86 19.10
C ASN A 428 8.38 -40.63 18.22
N TYR A 429 7.78 -39.46 18.41
CA TYR A 429 6.46 -39.17 17.84
C TYR A 429 6.47 -39.31 16.33
N GLU A 430 5.47 -40.00 15.80
CA GLU A 430 5.29 -40.18 14.36
C GLU A 430 4.28 -39.16 13.87
N LEU A 431 4.69 -38.35 12.89
CA LEU A 431 3.91 -37.20 12.46
C LEU A 431 2.56 -37.63 11.91
N ASP A 432 1.50 -37.12 12.52
CA ASP A 432 0.12 -37.39 12.12
C ASP A 432 -0.59 -36.05 12.05
N ILE A 433 -0.88 -35.61 10.84
CA ILE A 433 -1.41 -34.27 10.60
C ILE A 433 -2.93 -34.35 10.51
N LYS A 434 -3.60 -33.81 11.53
CA LYS A 434 -5.05 -33.74 11.54
C LYS A 434 -5.50 -32.46 10.84
N GLU A 435 -6.50 -32.58 9.97
CA GLU A 435 -7.00 -31.46 9.19
C GLU A 435 -8.39 -31.08 9.68
N THR A 436 -8.53 -29.83 10.13
CA THR A 436 -9.82 -29.28 10.55
C THR A 436 -10.04 -28.03 9.71
N LEU A 437 -10.21 -26.86 10.34
CA LEU A 437 -10.07 -25.63 9.58
C LEU A 437 -8.60 -25.30 9.34
N THR A 438 -7.72 -25.80 10.20
CA THR A 438 -6.28 -25.63 10.07
C THR A 438 -5.62 -27.02 10.04
N LEU A 439 -4.29 -27.02 10.16
CA LEU A 439 -3.50 -28.24 10.28
C LEU A 439 -2.79 -28.25 11.62
N LYS A 440 -2.54 -29.43 12.15
CA LYS A 440 -1.82 -29.55 13.41
C LYS A 440 -1.25 -30.96 13.54
N PRO A 441 -0.13 -31.14 14.24
CA PRO A 441 0.37 -32.50 14.51
C PRO A 441 -0.38 -33.16 15.66
N GLU A 442 -1.37 -33.99 15.35
CA GLU A 442 -2.19 -34.58 16.39
C GLU A 442 -1.39 -35.58 17.22
N GLY A 443 -1.62 -35.57 18.53
CA GLY A 443 -0.94 -36.46 19.43
C GLY A 443 0.50 -36.10 19.73
N PHE A 444 1.01 -34.99 19.20
CA PHE A 444 2.38 -34.58 19.45
C PHE A 444 2.59 -34.28 20.92
N VAL A 445 3.45 -35.05 21.57
CA VAL A 445 3.75 -34.88 22.99
C VAL A 445 5.26 -34.82 23.16
N VAL A 446 5.72 -34.05 24.15
CA VAL A 446 7.13 -33.96 24.51
C VAL A 446 7.24 -33.89 26.02
N LYS A 447 8.47 -34.08 26.50
CA LYS A 447 8.85 -33.80 27.88
C LYS A 447 9.77 -32.59 27.89
N ALA A 448 9.51 -31.66 28.80
CA ALA A 448 10.32 -30.45 28.92
C ALA A 448 10.98 -30.45 30.28
N LYS A 449 12.31 -30.50 30.30
CA LYS A 449 13.07 -30.41 31.53
C LYS A 449 13.45 -28.95 31.76
N SER A 450 13.08 -28.42 32.93
CA SER A 450 13.29 -27.02 33.20
C SER A 450 14.77 -26.71 33.32
N LYS A 451 15.19 -25.60 32.69
CA LYS A 451 16.52 -25.08 32.89
C LYS A 451 16.64 -24.28 34.18
N LYS A 452 15.53 -24.03 34.88
CA LYS A 452 15.52 -23.35 36.17
C LYS A 452 16.03 -21.90 36.06
N ILE A 453 15.51 -21.21 35.06
CA ILE A 453 15.75 -19.76 34.90
C ILE A 453 14.51 -19.03 35.41
N PRO A 454 14.64 -18.20 36.44
CA PRO A 454 13.52 -17.41 36.94
C PRO A 454 12.76 -16.61 35.87
N LEU A 455 11.49 -16.43 36.14
CA LEU A 455 10.59 -15.55 35.40
C LEU A 455 10.40 -14.24 36.17
N GLY A 456 9.62 -13.32 35.57
CA GLY A 456 9.46 -11.99 36.11
C GLY A 456 8.00 -11.67 36.39
N GLY A 457 7.81 -10.57 37.12
CA GLY A 457 6.49 -10.10 37.49
C GLY A 457 6.55 -8.99 38.53
N THR B 1 -14.16 17.35 23.54
CA THR B 1 -13.12 16.56 22.89
C THR B 1 -11.89 17.43 22.61
N ILE B 2 -12.00 18.72 22.91
CA ILE B 2 -11.03 19.71 22.43
C ILE B 2 -9.67 19.45 23.06
N LYS B 3 -8.63 19.54 22.23
CA LYS B 3 -7.28 19.12 22.57
C LYS B 3 -6.30 20.20 22.12
N GLU B 4 -5.23 20.37 22.89
CA GLU B 4 -4.20 21.35 22.54
C GLU B 4 -3.35 20.81 21.40
N MET B 5 -3.11 21.65 20.40
CA MET B 5 -2.45 21.19 19.19
C MET B 5 -0.96 20.99 19.43
N PRO B 6 -0.39 19.87 18.99
CA PRO B 6 1.06 19.68 19.10
C PRO B 6 1.82 20.77 18.34
N GLN B 7 3.04 21.03 18.80
CA GLN B 7 3.86 22.07 18.20
C GLN B 7 5.31 21.75 18.49
N PRO B 8 6.20 21.87 17.52
CA PRO B 8 7.62 21.63 17.81
C PRO B 8 8.18 22.71 18.73
N LYS B 9 9.40 22.46 19.21
CA LYS B 9 10.02 23.35 20.19
C LYS B 9 10.19 24.75 19.64
N THR B 10 9.81 25.75 20.44
CA THR B 10 9.99 27.16 20.11
C THR B 10 11.26 27.68 20.77
N PHE B 11 11.80 28.76 20.19
CA PHE B 11 13.09 29.31 20.61
C PHE B 11 12.96 30.82 20.76
N GLY B 12 12.27 31.23 21.83
N GLY B 12 12.27 31.23 21.83
CA GLY B 12 12.08 32.65 22.08
CA GLY B 12 12.07 32.65 22.07
C GLY B 12 11.31 33.32 20.95
C GLY B 12 11.33 33.31 20.93
N GLU B 13 11.78 34.50 20.56
CA GLU B 13 11.16 35.25 19.48
C GLU B 13 11.32 34.58 18.12
N LEU B 14 12.25 33.62 17.99
CA LEU B 14 12.45 32.91 16.74
C LEU B 14 11.35 31.90 16.46
N LYS B 15 10.56 31.53 17.47
CA LYS B 15 9.44 30.60 17.33
C LYS B 15 10.01 29.26 16.82
N ASN B 16 9.41 28.64 15.80
CA ASN B 16 9.89 27.37 15.29
C ASN B 16 10.85 27.53 14.11
N LEU B 17 11.10 28.75 13.66
CA LEU B 17 11.92 28.94 12.47
C LEU B 17 13.32 28.34 12.55
N PRO B 18 14.00 28.28 13.70
CA PRO B 18 15.29 27.55 13.74
C PRO B 18 15.18 26.11 13.28
N LEU B 19 13.99 25.52 13.28
CA LEU B 19 13.84 24.13 12.86
C LEU B 19 13.70 23.98 11.35
N LEU B 20 13.59 25.09 10.61
CA LEU B 20 13.51 25.05 9.16
C LEU B 20 14.66 25.83 8.52
N ASN B 21 15.88 25.57 8.98
CA ASN B 21 17.06 26.23 8.42
C ASN B 21 17.63 25.32 7.33
N THR B 22 16.96 25.32 6.18
CA THR B 22 17.26 24.35 5.14
C THR B 22 16.70 24.85 3.82
N ASP B 23 17.28 24.35 2.72
CA ASP B 23 16.70 24.54 1.40
C ASP B 23 15.75 23.43 1.01
N LYS B 24 15.45 22.51 1.93
CA LYS B 24 14.49 21.42 1.69
C LYS B 24 13.44 21.45 2.79
N PRO B 25 12.63 22.51 2.84
CA PRO B 25 11.68 22.63 3.97
C PRO B 25 10.60 21.56 3.99
N VAL B 26 10.09 21.14 2.83
CA VAL B 26 9.07 20.09 2.81
C VAL B 26 9.59 18.82 3.46
N GLN B 27 10.80 18.40 3.09
CA GLN B 27 11.35 17.16 3.63
C GLN B 27 11.64 17.30 5.12
N ALA B 28 12.01 18.50 5.57
CA ALA B 28 12.16 18.73 7.00
C ALA B 28 10.83 18.69 7.72
N LEU B 29 9.79 19.28 7.12
CA LEU B 29 8.47 19.26 7.74
C LEU B 29 7.90 17.84 7.80
N MET B 30 8.26 17.00 6.83
CA MET B 30 7.87 15.60 6.89
C MET B 30 8.45 14.92 8.12
N LYS B 31 9.73 15.19 8.44
CA LYS B 31 10.33 14.58 9.62
C LYS B 31 9.63 15.06 10.89
N ILE B 32 9.26 16.34 10.94
CA ILE B 32 8.51 16.84 12.08
C ILE B 32 7.17 16.12 12.20
N ALA B 33 6.50 15.92 11.05
CA ALA B 33 5.24 15.19 11.06
C ALA B 33 5.42 13.76 11.54
N ASP B 34 6.55 13.13 11.19
CA ASP B 34 6.87 11.80 11.69
C ASP B 34 6.88 11.77 13.20
N GLU B 35 7.28 12.88 13.83
CA GLU B 35 7.46 12.92 15.27
C GLU B 35 6.21 13.42 16.01
N LEU B 36 5.54 14.43 15.48
CA LEU B 36 4.40 15.01 16.18
C LEU B 36 3.06 14.43 15.75
N GLY B 37 2.95 13.92 14.53
CA GLY B 37 1.74 13.26 14.11
C GLY B 37 0.91 13.98 13.06
N GLU B 38 -0.40 13.77 13.10
CA GLU B 38 -1.29 14.18 12.01
C GLU B 38 -1.47 15.68 11.91
N ILE B 39 -1.18 16.43 12.96
CA ILE B 39 -1.36 17.88 12.94
C ILE B 39 -0.37 18.51 13.90
N PHE B 40 0.28 19.59 13.46
CA PHE B 40 1.12 20.37 14.36
C PHE B 40 1.10 21.82 13.91
N LYS B 41 1.14 22.73 14.89
CA LYS B 41 1.24 24.14 14.60
C LYS B 41 2.71 24.51 14.39
N PHE B 42 2.96 25.35 13.40
CA PHE B 42 4.29 25.88 13.11
C PHE B 42 4.23 27.40 13.14
N GLU B 43 5.09 28.01 13.95
CA GLU B 43 5.14 29.45 14.10
C GLU B 43 6.49 29.97 13.61
N ALA B 44 6.45 30.99 12.76
CA ALA B 44 7.58 31.82 12.42
C ALA B 44 7.28 33.24 12.91
N PRO B 45 8.29 34.11 13.03
CA PRO B 45 8.03 35.49 13.44
C PRO B 45 6.89 36.14 12.67
N GLY B 46 5.78 36.38 13.36
CA GLY B 46 4.62 37.04 12.80
C GLY B 46 3.62 36.12 12.14
N ARG B 47 3.83 34.81 12.17
CA ARG B 47 3.07 33.96 11.27
C ARG B 47 2.79 32.61 11.91
N VAL B 48 1.60 32.08 11.64
CA VAL B 48 1.15 30.82 12.21
C VAL B 48 0.57 29.96 11.09
N THR B 49 0.92 28.68 11.10
CA THR B 49 0.39 27.71 10.16
C THR B 49 0.19 26.40 10.89
N ARG B 50 -0.69 25.56 10.34
N ARG B 50 -0.69 25.56 10.35
CA ARG B 50 -0.97 24.24 10.91
CA ARG B 50 -0.95 24.24 10.91
C ARG B 50 -0.85 23.21 9.80
C ARG B 50 -0.84 23.21 9.80
N TYR B 51 0.05 22.24 9.98
CA TYR B 51 0.34 21.23 8.98
C TYR B 51 -0.46 19.96 9.25
N LEU B 52 -1.19 19.51 8.24
CA LEU B 52 -2.03 18.32 8.32
C LEU B 52 -1.40 17.18 7.53
N SER B 53 -1.39 15.99 8.13
CA SER B 53 -0.72 14.83 7.53
C SER B 53 -1.57 13.56 7.46
N SER B 54 -2.79 13.57 8.00
CA SER B 54 -3.61 12.36 8.01
C SER B 54 -4.82 12.51 7.11
N GLN B 55 -5.24 11.39 6.51
CA GLN B 55 -6.46 11.41 5.72
C GLN B 55 -7.65 11.89 6.54
N ARG B 56 -7.67 11.54 7.83
CA ARG B 56 -8.80 11.89 8.70
C ARG B 56 -9.02 13.40 8.73
N LEU B 57 -7.96 14.17 9.01
CA LEU B 57 -8.10 15.61 9.12
C LEU B 57 -8.11 16.29 7.76
N ILE B 58 -7.40 15.74 6.78
CA ILE B 58 -7.37 16.36 5.46
C ILE B 58 -8.72 16.20 4.75
N LYS B 59 -9.42 15.09 5.00
CA LYS B 59 -10.76 14.94 4.46
C LYS B 59 -11.67 16.09 4.89
N GLU B 60 -11.61 16.45 6.17
CA GLU B 60 -12.40 17.58 6.66
C GLU B 60 -11.95 18.88 6.00
N ALA B 61 -10.63 19.11 5.95
CA ALA B 61 -10.11 20.34 5.34
C ALA B 61 -10.53 20.46 3.89
N CYS B 62 -10.79 19.33 3.23
CA CYS B 62 -11.22 19.38 1.83
C CYS B 62 -12.72 19.62 1.70
N ASP B 63 -13.43 19.83 2.80
CA ASP B 63 -14.84 20.22 2.75
C ASP B 63 -14.90 21.68 2.31
N GLU B 64 -15.29 21.91 1.05
CA GLU B 64 -15.27 23.24 0.46
C GLU B 64 -16.31 24.18 1.04
N SER B 65 -17.30 23.66 1.76
CA SER B 65 -18.24 24.54 2.45
C SER B 65 -17.63 25.15 3.71
N ARG B 66 -16.53 24.59 4.21
CA ARG B 66 -15.86 25.09 5.40
C ARG B 66 -14.48 25.68 5.13
N PHE B 67 -13.82 25.30 4.05
CA PHE B 67 -12.46 25.75 3.76
C PHE B 67 -12.33 26.03 2.27
N ASP B 68 -11.65 27.13 1.94
CA ASP B 68 -11.34 27.47 0.56
C ASP B 68 -9.83 27.53 0.38
N LYS B 69 -9.40 27.56 -0.87
CA LYS B 69 -7.97 27.61 -1.17
C LYS B 69 -7.37 28.90 -0.63
N ASN B 70 -6.27 28.77 0.09
CA ASN B 70 -5.50 29.90 0.59
C ASN B 70 -4.28 30.12 -0.29
N LEU B 71 -3.87 31.38 -0.41
CA LEU B 71 -2.61 31.74 -1.03
C LEU B 71 -1.56 31.72 0.07
N SER B 72 -0.74 30.67 0.11
CA SER B 72 0.34 30.59 1.08
C SER B 72 1.36 31.71 0.82
N GLN B 73 2.33 31.84 1.74
CA GLN B 73 3.36 32.86 1.56
C GLN B 73 4.10 32.65 0.24
N ALA B 74 4.44 31.40 -0.08
CA ALA B 74 5.10 31.11 -1.35
C ALA B 74 4.22 31.54 -2.52
N LEU B 75 2.92 31.24 -2.46
CA LEU B 75 2.02 31.67 -3.52
C LEU B 75 1.85 33.19 -3.56
N LYS B 76 1.86 33.85 -2.40
CA LYS B 76 1.74 35.30 -2.40
C LYS B 76 2.98 35.95 -3.01
N PHE B 77 4.16 35.45 -2.64
CA PHE B 77 5.40 35.96 -3.22
C PHE B 77 5.40 35.78 -4.74
N VAL B 78 4.95 34.62 -5.20
CA VAL B 78 4.97 34.29 -6.61
C VAL B 78 3.84 35.00 -7.38
N ARG B 79 2.82 35.50 -6.69
CA ARG B 79 1.73 36.19 -7.36
C ARG B 79 2.19 37.46 -8.07
N ASP B 80 3.30 38.05 -7.64
CA ASP B 80 3.83 39.23 -8.33
C ASP B 80 4.27 38.90 -9.74
N PHE B 81 4.49 37.63 -10.07
CA PHE B 81 4.86 37.18 -11.41
C PHE B 81 3.68 36.61 -12.18
N PHE B 82 2.89 35.75 -11.56
CA PHE B 82 1.79 35.09 -12.25
C PHE B 82 0.45 35.81 -12.05
N GLY B 83 0.43 36.89 -11.26
CA GLY B 83 -0.74 37.75 -11.17
C GLY B 83 -1.98 37.01 -10.71
N ASP B 84 -3.12 37.39 -11.28
CA ASP B 84 -4.37 36.69 -11.00
C ASP B 84 -4.64 35.59 -12.00
N GLY B 85 -3.59 34.90 -12.44
CA GLY B 85 -3.77 33.69 -13.22
C GLY B 85 -4.41 32.59 -12.40
N LEU B 86 -4.74 31.48 -13.08
CA LEU B 86 -5.56 30.45 -12.45
C LEU B 86 -4.93 29.91 -11.17
N VAL B 87 -3.60 29.83 -11.11
CA VAL B 87 -2.95 29.17 -9.97
C VAL B 87 -2.84 30.11 -8.77
N THR B 88 -2.60 31.40 -9.03
CA THR B 88 -2.26 32.35 -7.98
C THR B 88 -3.41 33.30 -7.66
N SER B 89 -4.64 32.94 -8.00
CA SER B 89 -5.81 33.77 -7.72
C SER B 89 -6.61 33.19 -6.57
N TRP B 90 -7.28 34.08 -5.83
CA TRP B 90 -8.24 33.63 -4.83
C TRP B 90 -9.48 33.08 -5.52
N THR B 91 -10.16 32.15 -4.84
CA THR B 91 -11.37 31.58 -5.42
C THR B 91 -12.44 32.64 -5.64
N HIS B 92 -12.49 33.66 -4.79
CA HIS B 92 -13.50 34.70 -4.92
C HIS B 92 -13.13 35.78 -5.94
N GLU B 93 -11.87 35.84 -6.37
CA GLU B 93 -11.49 36.82 -7.38
C GLU B 93 -12.26 36.59 -8.68
N LYS B 94 -12.69 37.68 -9.30
CA LYS B 94 -13.50 37.59 -10.50
C LYS B 94 -12.80 36.81 -11.59
N ASN B 95 -11.48 36.97 -11.71
CA ASN B 95 -10.75 36.36 -12.81
C ASN B 95 -10.51 34.87 -12.63
N TRP B 96 -10.65 34.32 -11.42
CA TRP B 96 -10.49 32.87 -11.28
C TRP B 96 -11.61 32.14 -11.99
N LYS B 97 -12.85 32.35 -11.54
CA LYS B 97 -13.98 31.63 -12.10
C LYS B 97 -14.12 31.90 -13.59
N LYS B 98 -13.85 33.14 -14.00
CA LYS B 98 -13.95 33.48 -15.41
C LYS B 98 -12.92 32.70 -16.22
N ALA B 99 -11.66 32.73 -15.80
CA ALA B 99 -10.64 31.98 -16.51
C ALA B 99 -10.92 30.48 -16.46
N HIS B 100 -11.37 29.97 -15.31
CA HIS B 100 -11.71 28.56 -15.18
C HIS B 100 -12.75 28.13 -16.21
N ASN B 101 -13.85 28.89 -16.30
CA ASN B 101 -14.89 28.54 -17.27
C ASN B 101 -14.38 28.68 -18.70
N ILE B 102 -13.55 29.69 -18.95
CA ILE B 102 -13.08 29.96 -20.30
C ILE B 102 -12.07 28.91 -20.75
N LEU B 103 -11.24 28.42 -19.83
CA LEU B 103 -10.13 27.54 -20.19
C LEU B 103 -10.42 26.05 -19.99
N LEU B 104 -11.42 25.69 -19.19
CA LEU B 104 -11.77 24.28 -19.02
C LEU B 104 -12.07 23.55 -20.32
N PRO B 105 -12.73 24.13 -21.34
CA PRO B 105 -12.90 23.39 -22.60
C PRO B 105 -11.60 22.98 -23.27
N SER B 106 -10.46 23.59 -22.93
CA SER B 106 -9.19 23.17 -23.50
C SER B 106 -8.71 21.83 -22.95
N PHE B 107 -9.39 21.28 -21.94
CA PHE B 107 -9.05 19.96 -21.41
C PHE B 107 -10.22 18.99 -21.54
N SER B 108 -11.15 19.28 -22.44
CA SER B 108 -12.23 18.34 -22.73
C SER B 108 -11.67 17.12 -23.46
N GLN B 109 -12.53 16.12 -23.64
CA GLN B 109 -12.08 14.87 -24.26
C GLN B 109 -11.66 15.10 -25.70
N GLN B 110 -12.40 15.92 -26.44
CA GLN B 110 -12.02 16.19 -27.83
C GLN B 110 -10.69 16.95 -27.89
N ALA B 111 -10.43 17.81 -26.92
CA ALA B 111 -9.15 18.51 -26.89
C ALA B 111 -8.00 17.54 -26.64
N MET B 112 -8.18 16.60 -25.72
CA MET B 112 -7.14 15.61 -25.43
C MET B 112 -6.77 14.79 -26.66
N LYS B 113 -7.77 14.39 -27.45
CA LYS B 113 -7.47 13.61 -28.65
C LYS B 113 -6.60 14.41 -29.61
N GLY B 114 -6.89 15.70 -29.77
CA GLY B 114 -6.05 16.53 -30.61
C GLY B 114 -4.64 16.67 -30.08
N TYR B 115 -4.50 16.78 -28.76
CA TYR B 115 -3.18 16.93 -28.16
C TYR B 115 -2.30 15.72 -28.40
N HIS B 116 -2.90 14.53 -28.54
CA HIS B 116 -2.13 13.29 -28.57
C HIS B 116 -1.06 13.31 -29.66
N ALA B 117 -1.44 13.74 -30.88
CA ALA B 117 -0.49 13.71 -31.99
C ALA B 117 0.70 14.62 -31.71
N MET B 118 0.47 15.76 -31.07
CA MET B 118 1.57 16.66 -30.77
C MET B 118 2.44 16.14 -29.62
N MET B 119 1.82 15.46 -28.65
CA MET B 119 2.61 14.81 -27.59
C MET B 119 3.53 13.75 -28.18
N VAL B 120 3.02 12.97 -29.13
CA VAL B 120 3.86 11.98 -29.81
C VAL B 120 4.99 12.65 -30.56
N ASP B 121 4.73 13.84 -31.12
CA ASP B 121 5.78 14.60 -31.81
C ASP B 121 6.98 14.83 -30.89
N ILE B 122 6.73 15.31 -29.67
CA ILE B 122 7.84 15.60 -28.76
C ILE B 122 8.45 14.30 -28.23
N ALA B 123 7.61 13.31 -27.93
CA ALA B 123 8.10 12.04 -27.40
C ALA B 123 9.02 11.34 -28.40
N VAL B 124 8.68 11.41 -29.69
CA VAL B 124 9.57 10.86 -30.71
C VAL B 124 10.92 11.56 -30.69
N GLN B 125 10.93 12.88 -30.47
CA GLN B 125 12.19 13.60 -30.39
C GLN B 125 13.03 13.11 -29.22
N LEU B 126 12.40 12.79 -28.09
CA LEU B 126 13.14 12.28 -26.93
C LEU B 126 13.74 10.91 -27.24
N VAL B 127 12.93 10.00 -27.77
CA VAL B 127 13.43 8.68 -28.11
C VAL B 127 14.58 8.80 -29.11
N GLN B 128 14.44 9.66 -30.11
CA GLN B 128 15.50 9.80 -31.12
C GLN B 128 16.78 10.37 -30.52
N LYS B 129 16.67 11.31 -29.58
CA LYS B 129 17.88 11.83 -28.95
C LYS B 129 18.64 10.70 -28.26
N TRP B 130 17.93 9.86 -27.52
CA TRP B 130 18.58 8.78 -26.80
C TRP B 130 19.08 7.68 -27.73
N GLU B 131 18.36 7.46 -28.85
CA GLU B 131 18.81 6.48 -29.84
C GLU B 131 20.13 6.90 -30.47
N ARG B 132 20.42 8.20 -30.50
CA ARG B 132 21.55 8.74 -31.22
C ARG B 132 22.74 9.01 -30.32
N LEU B 133 22.66 8.69 -29.04
CA LEU B 133 23.82 8.83 -28.17
C LEU B 133 24.87 7.78 -28.51
N ASN B 134 26.14 8.15 -28.32
CA ASN B 134 27.24 7.24 -28.55
C ASN B 134 27.43 6.30 -27.37
N ALA B 135 28.28 5.30 -27.56
CA ALA B 135 28.54 4.33 -26.50
C ALA B 135 29.13 5.03 -25.27
N ASP B 136 28.68 4.60 -24.09
CA ASP B 136 29.12 5.09 -22.78
C ASP B 136 28.66 6.51 -22.49
N GLU B 137 27.94 7.17 -23.39
CA GLU B 137 27.30 8.43 -23.03
C GLU B 137 26.08 8.14 -22.17
N HIS B 138 25.68 9.13 -21.37
CA HIS B 138 24.59 8.93 -20.41
C HIS B 138 23.53 10.01 -20.61
N ILE B 139 22.45 9.87 -19.85
CA ILE B 139 21.29 10.74 -19.94
C ILE B 139 21.17 11.52 -18.64
N GLU B 140 20.95 12.82 -18.76
CA GLU B 140 20.58 13.65 -17.62
C GLU B 140 19.06 13.66 -17.57
N VAL B 141 18.48 12.91 -16.64
CA VAL B 141 17.05 12.58 -16.73
C VAL B 141 16.16 13.80 -16.54
N PRO B 142 16.20 14.53 -15.41
CA PRO B 142 15.28 15.67 -15.29
C PRO B 142 15.49 16.73 -16.35
N GLU B 143 16.73 16.92 -16.79
CA GLU B 143 17.00 17.87 -17.87
C GLU B 143 16.27 17.46 -19.16
N ASP B 144 16.35 16.19 -19.55
CA ASP B 144 15.66 15.76 -20.76
C ASP B 144 14.16 15.65 -20.56
N MET B 145 13.70 15.32 -19.35
CA MET B 145 12.26 15.33 -19.12
C MET B 145 11.70 16.74 -19.19
N THR B 146 12.49 17.73 -18.78
CA THR B 146 12.05 19.12 -18.85
C THR B 146 12.07 19.63 -20.29
N ARG B 147 13.05 19.19 -21.09
CA ARG B 147 13.00 19.45 -22.52
C ARG B 147 11.68 18.98 -23.12
N LEU B 148 11.24 17.77 -22.76
CA LEU B 148 10.03 17.22 -23.36
C LEU B 148 8.78 17.92 -22.84
N THR B 149 8.66 18.10 -21.53
CA THR B 149 7.41 18.66 -21.00
C THR B 149 7.26 20.14 -21.39
N LEU B 150 8.36 20.88 -21.44
CA LEU B 150 8.30 22.26 -21.93
C LEU B 150 7.85 22.30 -23.38
N ASP B 151 8.45 21.47 -24.24
CA ASP B 151 8.09 21.49 -25.64
C ASP B 151 6.65 21.01 -25.85
N THR B 152 6.16 20.15 -24.97
CA THR B 152 4.81 19.61 -25.14
C THR B 152 3.76 20.66 -24.81
N ILE B 153 3.93 21.40 -23.71
CA ILE B 153 2.95 22.42 -23.38
C ILE B 153 3.05 23.61 -24.33
N GLY B 154 4.26 23.89 -24.83
CA GLY B 154 4.38 24.92 -25.85
C GLY B 154 3.64 24.55 -27.13
N LEU B 155 3.81 23.31 -27.59
CA LEU B 155 3.18 22.90 -28.84
C LEU B 155 1.68 22.68 -28.66
N CYS B 156 1.27 22.03 -27.56
CA CYS B 156 -0.14 21.72 -27.36
C CYS B 156 -0.95 22.96 -27.00
N GLY B 157 -0.41 23.79 -26.13
CA GLY B 157 -1.18 24.91 -25.60
C GLY B 157 -1.13 26.15 -26.46
N PHE B 158 -0.04 26.31 -27.22
CA PHE B 158 0.22 27.59 -27.89
C PHE B 158 0.73 27.44 -29.32
N ASN B 159 0.86 26.21 -29.83
CA ASN B 159 1.46 25.95 -31.14
C ASN B 159 2.79 26.67 -31.31
N TYR B 160 3.54 26.83 -30.22
CA TYR B 160 4.86 27.43 -30.23
C TYR B 160 5.89 26.33 -29.95
N ARG B 161 6.97 26.32 -30.72
CA ARG B 161 7.99 25.28 -30.59
C ARG B 161 9.19 25.87 -29.85
N PHE B 162 9.40 25.42 -28.62
CA PHE B 162 10.58 25.81 -27.87
C PHE B 162 11.85 25.17 -28.43
N ASN B 163 11.71 24.01 -29.09
CA ASN B 163 12.82 23.30 -29.70
C ASN B 163 13.93 23.04 -28.68
N SER B 164 13.53 22.49 -27.53
CA SER B 164 14.47 22.26 -26.44
C SER B 164 15.51 21.20 -26.78
N PHE B 165 15.16 20.22 -27.61
CA PHE B 165 16.11 19.18 -27.98
C PHE B 165 17.13 19.65 -29.00
N TYR B 166 17.02 20.88 -29.49
CA TYR B 166 18.03 21.48 -30.35
C TYR B 166 19.01 22.34 -29.57
N ARG B 167 18.94 22.31 -28.23
CA ARG B 167 19.83 23.07 -27.36
C ARG B 167 20.45 22.13 -26.34
N ASP B 168 21.74 22.31 -26.08
CA ASP B 168 22.41 21.52 -25.05
C ASP B 168 22.30 22.13 -23.66
N GLN B 169 21.84 23.37 -23.56
CA GLN B 169 21.54 24.03 -22.30
C GLN B 169 20.04 24.26 -22.21
N PRO B 170 19.51 24.54 -21.00
CA PRO B 170 18.08 24.83 -20.89
C PRO B 170 17.67 26.02 -21.73
N HIS B 171 16.40 26.05 -22.11
CA HIS B 171 15.88 27.14 -22.91
C HIS B 171 16.04 28.47 -22.17
N PRO B 172 16.43 29.54 -22.86
CA PRO B 172 16.64 30.84 -22.18
C PRO B 172 15.44 31.31 -21.37
N PHE B 173 14.24 30.84 -21.75
CA PHE B 173 13.04 31.26 -21.05
C PHE B 173 13.03 30.78 -19.60
N ILE B 174 13.37 29.51 -19.38
CA ILE B 174 13.38 28.98 -18.02
C ILE B 174 14.55 29.55 -17.22
N THR B 175 15.74 29.60 -17.84
CA THR B 175 16.90 30.14 -17.16
C THR B 175 16.63 31.55 -16.63
N SER B 176 16.03 32.40 -17.47
CA SER B 176 15.66 33.73 -17.02
C SER B 176 14.58 33.68 -15.94
N MET B 177 13.63 32.76 -16.08
CA MET B 177 12.61 32.56 -15.05
C MET B 177 13.25 32.17 -13.72
N VAL B 178 14.14 31.18 -13.74
CA VAL B 178 14.82 30.75 -12.54
C VAL B 178 15.65 31.89 -11.95
N ARG B 179 16.37 32.62 -12.80
CA ARG B 179 17.25 33.66 -12.32
C ARG B 179 16.48 34.87 -11.79
N ALA B 180 15.33 35.18 -12.40
CA ALA B 180 14.51 36.29 -11.91
C ALA B 180 13.92 35.98 -10.54
N LEU B 181 13.41 34.75 -10.36
CA LEU B 181 12.83 34.37 -9.07
C LEU B 181 13.88 34.37 -7.97
N ASP B 182 15.07 33.84 -8.26
CA ASP B 182 16.14 33.85 -7.26
C ASP B 182 16.51 35.26 -6.85
N GLU B 183 16.56 36.19 -7.81
CA GLU B 183 16.87 37.58 -7.49
C GLU B 183 15.77 38.21 -6.64
N ALA B 184 14.51 37.93 -6.98
CA ALA B 184 13.40 38.44 -6.17
C ALA B 184 13.48 37.93 -4.73
N MET B 185 13.91 36.68 -4.54
CA MET B 185 14.08 36.15 -3.19
C MET B 185 15.27 36.78 -2.49
N ASN B 186 16.41 36.89 -3.20
CA ASN B 186 17.59 37.52 -2.61
C ASN B 186 17.39 39.01 -2.33
N LYS B 187 16.46 39.64 -3.05
CA LYS B 187 16.21 41.07 -2.86
C LYS B 187 15.69 41.36 -1.45
N LEU B 188 14.95 40.42 -0.86
CA LEU B 188 14.37 40.62 0.46
C LEU B 188 15.41 40.59 1.57
N GLN B 189 16.55 39.93 1.35
CA GLN B 189 17.55 39.72 2.38
C GLN B 189 18.72 40.70 2.30
N ARG B 190 18.50 41.88 1.74
CA ARG B 190 19.56 42.84 1.49
C ARG B 190 19.37 44.07 2.37
N ALA B 191 20.31 44.28 3.29
CA ALA B 191 20.50 45.60 3.87
C ALA B 191 21.19 46.48 2.84
N ASN B 192 20.83 47.76 2.82
CA ASN B 192 21.28 48.69 1.78
C ASN B 192 20.99 48.12 0.39
N PRO B 193 19.71 47.95 0.03
CA PRO B 193 19.39 47.28 -1.23
C PRO B 193 19.80 48.05 -2.48
N ASP B 194 20.13 49.34 -2.36
CA ASP B 194 20.59 50.13 -3.50
C ASP B 194 22.09 50.41 -3.43
N ASP B 195 22.85 49.55 -2.76
CA ASP B 195 24.29 49.65 -2.84
C ASP B 195 24.73 49.42 -4.28
N PRO B 196 25.65 50.24 -4.80
CA PRO B 196 26.05 50.10 -6.21
C PRO B 196 26.50 48.71 -6.60
N ALA B 197 26.84 47.89 -5.60
CA ALA B 197 27.24 46.51 -5.87
C ALA B 197 26.10 45.67 -6.42
N TYR B 198 24.85 46.07 -6.19
CA TYR B 198 23.70 45.33 -6.70
C TYR B 198 23.18 45.88 -8.03
N ASP B 199 23.93 46.78 -8.68
CA ASP B 199 23.48 47.30 -9.97
C ASP B 199 23.47 46.21 -11.03
N GLU B 200 24.46 45.31 -11.01
CA GLU B 200 24.47 44.21 -11.96
C GLU B 200 23.28 43.27 -11.74
N ASN B 201 22.90 43.05 -10.47
CA ASN B 201 21.72 42.25 -10.19
C ASN B 201 20.47 42.90 -10.77
N LYS B 202 20.35 44.23 -10.63
CA LYS B 202 19.18 44.93 -11.18
C LYS B 202 19.17 44.85 -12.70
N ARG B 203 20.34 44.95 -13.33
CA ARG B 203 20.41 44.88 -14.79
C ARG B 203 20.05 43.49 -15.30
N GLN B 204 20.55 42.45 -14.61
CA GLN B 204 20.21 41.09 -15.00
C GLN B 204 18.73 40.81 -14.80
N PHE B 205 18.11 41.42 -13.78
CA PHE B 205 16.69 41.22 -13.53
C PHE B 205 15.84 41.73 -14.69
N GLN B 206 16.10 42.97 -15.12
CA GLN B 206 15.35 43.52 -16.25
C GLN B 206 15.62 42.76 -17.53
N GLU B 207 16.83 42.23 -17.70
CA GLU B 207 17.12 41.41 -18.87
C GLU B 207 16.32 40.12 -18.84
N ASP B 208 16.14 39.53 -17.66
CA ASP B 208 15.35 38.31 -17.54
C ASP B 208 13.85 38.59 -17.70
N ILE B 209 13.36 39.68 -17.11
CA ILE B 209 11.97 40.06 -17.29
C ILE B 209 11.68 40.32 -18.77
N LYS B 210 12.63 40.94 -19.47
CA LYS B 210 12.47 41.23 -20.89
C LYS B 210 12.49 39.95 -21.73
N VAL B 211 13.30 38.96 -21.33
CA VAL B 211 13.30 37.68 -22.03
C VAL B 211 11.92 37.02 -21.94
N MET B 212 11.31 37.08 -20.75
CA MET B 212 10.00 36.44 -20.58
C MET B 212 8.90 37.25 -21.26
N ASN B 213 8.98 38.58 -21.20
CA ASN B 213 7.98 39.41 -21.88
C ASN B 213 8.06 39.25 -23.39
N ASP B 214 9.28 39.11 -23.94
CA ASP B 214 9.40 38.95 -25.39
C ASP B 214 8.78 37.64 -25.85
N LEU B 215 8.94 36.57 -25.06
CA LEU B 215 8.38 35.28 -25.47
C LEU B 215 6.85 35.33 -25.46
N VAL B 216 6.26 35.90 -24.40
CA VAL B 216 4.81 36.07 -24.37
C VAL B 216 4.35 36.89 -25.56
N ASP B 217 5.14 37.91 -25.94
CA ASP B 217 4.82 38.71 -27.12
C ASP B 217 4.89 37.88 -28.39
N LYS B 218 5.93 37.06 -28.52
N LYS B 218 5.93 37.06 -28.53
CA LYS B 218 6.09 36.25 -29.73
CA LYS B 218 6.07 36.26 -29.76
C LYS B 218 5.00 35.20 -29.86
C LYS B 218 5.00 35.19 -29.86
N ILE B 219 4.58 34.62 -28.73
CA ILE B 219 3.50 33.63 -28.76
C ILE B 219 2.20 34.28 -29.25
N ILE B 220 1.86 35.44 -28.68
CA ILE B 220 0.65 36.15 -29.08
C ILE B 220 0.75 36.61 -30.52
N ALA B 221 1.89 37.21 -30.90
CA ALA B 221 2.03 37.74 -32.25
C ALA B 221 2.03 36.64 -33.30
N ASP B 222 2.59 35.46 -32.97
CA ASP B 222 2.58 34.36 -33.92
C ASP B 222 1.17 33.89 -34.20
N ARG B 223 0.27 33.96 -33.21
CA ARG B 223 -1.09 33.49 -33.41
C ARG B 223 -1.91 34.47 -34.24
N LYS B 224 -1.79 35.78 -33.96
CA LYS B 224 -2.53 36.77 -34.74
C LYS B 224 -2.13 36.76 -36.21
N ALA B 225 -0.86 36.47 -36.50
CA ALA B 225 -0.38 36.37 -37.86
C ALA B 225 -0.55 34.98 -38.46
N SER B 226 -1.17 34.05 -37.71
CA SER B 226 -1.32 32.67 -38.18
C SER B 226 -2.52 32.53 -39.10
N GLY B 227 -3.72 32.83 -38.58
CA GLY B 227 -4.94 32.69 -39.35
C GLY B 227 -5.84 31.58 -38.83
N ASP B 231 -7.25 25.34 -32.88
CA ASP B 231 -7.97 25.44 -31.62
C ASP B 231 -7.19 24.79 -30.48
N ASP B 232 -6.73 25.59 -29.54
CA ASP B 232 -5.99 25.07 -28.40
C ASP B 232 -6.20 25.99 -27.21
N LEU B 233 -5.33 25.87 -26.20
CA LEU B 233 -5.45 26.67 -24.99
C LEU B 233 -5.34 28.16 -25.28
N LEU B 234 -4.53 28.55 -26.26
CA LEU B 234 -4.38 29.97 -26.58
C LEU B 234 -5.62 30.54 -27.24
N THR B 235 -6.30 29.74 -28.07
CA THR B 235 -7.53 30.20 -28.72
C THR B 235 -8.58 30.62 -27.70
N HIS B 236 -8.80 29.77 -26.69
CA HIS B 236 -9.77 30.12 -25.66
C HIS B 236 -9.34 31.33 -24.85
N MET B 237 -8.02 31.50 -24.65
CA MET B 237 -7.54 32.69 -23.96
C MET B 237 -7.89 33.96 -24.73
N LEU B 238 -7.70 33.93 -26.05
CA LEU B 238 -7.87 35.12 -26.87
C LEU B 238 -9.32 35.40 -27.25
N ASN B 239 -10.15 34.36 -27.31
CA ASN B 239 -11.50 34.49 -27.84
C ASN B 239 -12.60 33.89 -26.98
N GLY B 240 -12.27 32.99 -26.07
CA GLY B 240 -13.28 32.38 -25.22
C GLY B 240 -13.97 33.40 -24.33
N LYS B 241 -15.09 32.98 -23.76
CA LYS B 241 -15.99 33.89 -23.04
C LYS B 241 -16.65 33.19 -21.87
N ASP B 242 -16.62 33.83 -20.71
CA ASP B 242 -17.20 33.24 -19.51
C ASP B 242 -18.71 33.11 -19.68
N PRO B 243 -19.26 31.89 -19.69
CA PRO B 243 -20.73 31.78 -19.76
C PRO B 243 -21.45 32.55 -18.67
N GLU B 244 -20.85 32.67 -17.49
CA GLU B 244 -21.49 33.37 -16.37
C GLU B 244 -21.69 34.85 -16.63
N THR B 245 -20.77 35.46 -17.34
CA THR B 245 -20.83 36.88 -17.56
C THR B 245 -20.82 37.22 -19.03
N GLY B 246 -20.47 36.26 -19.89
CA GLY B 246 -19.85 36.66 -21.15
C GLY B 246 -18.77 37.72 -20.95
N GLU B 247 -17.58 37.35 -20.46
CA GLU B 247 -16.44 38.26 -20.44
C GLU B 247 -15.22 37.41 -20.70
N PRO B 248 -14.37 37.71 -21.66
CA PRO B 248 -13.14 36.93 -21.74
C PRO B 248 -12.14 37.48 -20.74
N LEU B 249 -10.89 37.06 -20.92
CA LEU B 249 -9.80 37.64 -20.17
C LEU B 249 -9.37 38.92 -20.84
N ASP B 250 -8.97 39.90 -20.03
CA ASP B 250 -8.43 41.15 -20.55
C ASP B 250 -7.14 40.89 -21.32
N ASP B 251 -6.38 41.92 -21.66
CA ASP B 251 -5.10 41.67 -22.30
C ASP B 251 -4.03 41.31 -21.27
N GLU B 252 -4.09 41.90 -20.08
CA GLU B 252 -3.10 41.64 -19.04
C GLU B 252 -3.29 40.26 -18.40
N ASN B 253 -4.55 39.86 -18.13
CA ASN B 253 -4.76 38.54 -17.55
C ASN B 253 -4.34 37.44 -18.51
N ILE B 254 -4.54 37.66 -19.81
CA ILE B 254 -4.08 36.70 -20.81
C ILE B 254 -2.57 36.48 -20.68
N ARG B 255 -1.82 37.54 -20.43
CA ARG B 255 -0.38 37.41 -20.23
C ARG B 255 -0.08 36.61 -18.96
N TYR B 256 -0.81 36.86 -17.88
CA TYR B 256 -0.62 36.08 -16.66
C TYR B 256 -0.94 34.61 -16.89
N GLN B 257 -1.96 34.32 -17.69
CA GLN B 257 -2.33 32.93 -17.93
C GLN B 257 -1.30 32.21 -18.79
N ILE B 258 -0.76 32.89 -19.80
CA ILE B 258 0.20 32.25 -20.69
C ILE B 258 1.45 31.83 -19.90
N ILE B 259 1.96 32.73 -19.07
CA ILE B 259 3.12 32.40 -18.26
C ILE B 259 2.75 31.37 -17.19
N THR B 260 1.51 31.42 -16.71
CA THR B 260 1.05 30.43 -15.74
C THR B 260 1.06 29.02 -16.35
N PHE B 261 0.48 28.87 -17.54
CA PHE B 261 0.36 27.54 -18.13
C PHE B 261 1.67 27.05 -18.73
N LEU B 262 2.55 27.96 -19.16
CA LEU B 262 3.88 27.54 -19.61
C LEU B 262 4.64 26.85 -18.49
N ILE B 263 4.57 27.41 -17.28
CA ILE B 263 5.33 26.87 -16.16
C ILE B 263 4.59 25.68 -15.53
N ALA B 264 3.31 25.88 -15.17
CA ALA B 264 2.54 24.80 -14.58
C ALA B 264 2.44 23.60 -15.52
N GLY B 265 2.41 23.85 -16.82
CA GLY B 265 2.24 22.77 -17.79
C GLY B 265 3.44 21.88 -18.00
N HIS B 266 4.59 22.19 -17.40
CA HIS B 266 5.76 21.34 -17.65
C HIS B 266 6.56 20.91 -16.41
N GLU B 267 6.65 21.75 -15.38
N GLU B 267 6.63 21.75 -15.38
CA GLU B 267 7.58 21.49 -14.28
CA GLU B 267 7.57 21.51 -14.28
C GLU B 267 7.20 20.24 -13.51
C GLU B 267 7.21 20.26 -13.48
N THR B 268 5.95 20.15 -13.04
CA THR B 268 5.55 19.02 -12.21
C THR B 268 5.54 17.71 -12.99
N THR B 269 5.22 17.76 -14.29
CA THR B 269 5.21 16.55 -15.09
C THR B 269 6.63 16.06 -15.36
N SER B 270 7.58 16.99 -15.50
CA SER B 270 8.97 16.58 -15.64
CA SER B 270 8.97 16.58 -15.64
C SER B 270 9.47 15.88 -14.38
N GLY B 271 9.11 16.43 -13.21
CA GLY B 271 9.47 15.78 -11.97
C GLY B 271 8.88 14.39 -11.84
N LEU B 272 7.62 14.24 -12.27
CA LEU B 272 6.95 12.95 -12.16
C LEU B 272 7.64 11.88 -13.00
N LEU B 273 7.93 12.22 -14.27
CA LEU B 273 8.62 11.27 -15.13
C LEU B 273 9.99 10.91 -14.57
N SER B 274 10.69 11.89 -14.00
CA SER B 274 12.01 11.65 -13.44
C SER B 274 11.96 10.74 -12.22
N PHE B 275 11.05 11.03 -11.28
CA PHE B 275 10.86 10.15 -10.12
C PHE B 275 10.44 8.76 -10.55
N ALA B 276 9.53 8.66 -11.53
CA ALA B 276 9.08 7.35 -11.98
C ALA B 276 10.23 6.53 -12.53
N LEU B 277 11.06 7.14 -13.38
CA LEU B 277 12.22 6.42 -13.91
C LEU B 277 13.21 6.06 -12.80
N TYR B 278 13.37 6.95 -11.82
CA TYR B 278 14.20 6.64 -10.65
C TYR B 278 13.70 5.37 -9.95
N PHE B 279 12.42 5.35 -9.56
CA PHE B 279 11.92 4.21 -8.81
C PHE B 279 11.97 2.92 -9.64
N LEU B 280 11.80 3.03 -10.96
CA LEU B 280 11.88 1.84 -11.82
C LEU B 280 13.28 1.23 -11.79
N VAL B 281 14.33 2.05 -11.97
CA VAL B 281 15.67 1.50 -11.99
C VAL B 281 16.10 1.03 -10.60
N LYS B 282 15.48 1.54 -9.54
CA LYS B 282 15.72 1.05 -8.18
C LYS B 282 14.91 -0.19 -7.84
N ASN B 283 13.91 -0.53 -8.66
CA ASN B 283 13.05 -1.69 -8.43
C ASN B 283 12.98 -2.48 -9.73
N PRO B 284 14.01 -3.29 -10.03
CA PRO B 284 14.08 -3.95 -11.34
C PRO B 284 12.93 -4.88 -11.65
N HIS B 285 12.31 -5.50 -10.63
CA HIS B 285 11.15 -6.35 -10.91
C HIS B 285 9.97 -5.52 -11.38
N VAL B 286 9.81 -4.30 -10.85
CA VAL B 286 8.74 -3.42 -11.32
C VAL B 286 9.05 -2.91 -12.72
N LEU B 287 10.31 -2.58 -12.99
CA LEU B 287 10.71 -2.18 -14.33
C LEU B 287 10.40 -3.27 -15.34
N GLN B 288 10.76 -4.51 -15.02
CA GLN B 288 10.48 -5.64 -15.90
C GLN B 288 9.00 -5.73 -16.23
N LYS B 289 8.15 -5.64 -15.20
CA LYS B 289 6.71 -5.74 -15.40
C LYS B 289 6.18 -4.59 -16.25
N ALA B 290 6.69 -3.37 -16.03
CA ALA B 290 6.22 -2.24 -16.82
C ALA B 290 6.70 -2.33 -18.26
N ALA B 291 7.95 -2.78 -18.48
CA ALA B 291 8.46 -2.91 -19.84
C ALA B 291 7.73 -4.01 -20.60
N GLU B 292 7.32 -5.08 -19.90
CA GLU B 292 6.55 -6.13 -20.55
C GLU B 292 5.19 -5.60 -21.02
N GLU B 293 4.55 -4.77 -20.22
CA GLU B 293 3.30 -4.16 -20.66
C GLU B 293 3.53 -3.26 -21.87
N ALA B 294 4.57 -2.43 -21.81
CA ALA B 294 4.89 -1.55 -22.93
C ALA B 294 5.06 -2.33 -24.23
N ALA B 295 5.90 -3.38 -24.21
CA ALA B 295 6.10 -4.16 -25.42
C ALA B 295 4.81 -4.85 -25.85
N ARG B 296 4.00 -5.31 -24.89
CA ARG B 296 2.77 -6.02 -25.22
C ARG B 296 1.72 -5.08 -25.82
N VAL B 297 1.67 -3.84 -25.35
CA VAL B 297 0.61 -2.91 -25.76
C VAL B 297 1.05 -2.06 -26.96
N LEU B 298 2.26 -1.52 -26.93
CA LEU B 298 2.71 -0.58 -27.95
C LEU B 298 3.23 -1.36 -29.16
N VAL B 299 2.29 -1.88 -29.95
CA VAL B 299 2.62 -2.75 -31.08
C VAL B 299 2.82 -1.99 -32.39
N ASP B 300 2.51 -0.70 -32.44
CA ASP B 300 2.65 0.11 -33.64
C ASP B 300 3.87 1.02 -33.54
N PRO B 301 4.36 1.54 -34.68
CA PRO B 301 5.55 2.41 -34.63
C PRO B 301 5.36 3.66 -33.79
N VAL B 302 4.12 4.16 -33.68
CA VAL B 302 3.80 5.25 -32.76
C VAL B 302 2.54 4.88 -32.00
N PRO B 303 2.42 5.24 -30.73
CA PRO B 303 1.26 4.81 -29.96
C PRO B 303 0.00 5.58 -30.35
N SER B 304 -1.12 4.87 -30.37
CA SER B 304 -2.41 5.51 -30.54
C SER B 304 -2.92 5.99 -29.18
N TYR B 305 -3.97 6.81 -29.22
CA TYR B 305 -4.58 7.26 -27.96
C TYR B 305 -5.08 6.08 -27.15
N LYS B 306 -5.70 5.10 -27.80
CA LYS B 306 -6.24 3.96 -27.07
C LYS B 306 -5.14 3.11 -26.46
N GLN B 307 -4.02 2.98 -27.15
CA GLN B 307 -2.91 2.18 -26.62
C GLN B 307 -2.36 2.78 -25.33
N VAL B 308 -2.25 4.10 -25.27
CA VAL B 308 -1.78 4.75 -24.04
C VAL B 308 -2.77 4.49 -22.91
N LYS B 309 -4.07 4.50 -23.23
CA LYS B 309 -5.07 4.18 -22.22
C LYS B 309 -4.93 2.74 -21.74
N GLN B 310 -4.43 1.85 -22.60
CA GLN B 310 -4.23 0.44 -22.23
C GLN B 310 -2.99 0.24 -21.36
N LEU B 311 -2.17 1.27 -21.17
CA LEU B 311 -0.96 1.15 -20.36
C LEU B 311 -1.33 1.27 -18.88
N LYS B 312 -2.06 0.25 -18.41
CA LYS B 312 -2.62 0.25 -17.06
C LYS B 312 -1.52 0.23 -16.02
N TYR B 313 -0.55 -0.68 -16.17
CA TYR B 313 0.50 -0.80 -15.16
C TYR B 313 1.41 0.42 -15.18
N VAL B 314 1.70 0.97 -16.36
CA VAL B 314 2.47 2.21 -16.45
C VAL B 314 1.76 3.32 -15.69
N GLY B 315 0.43 3.34 -15.76
CA GLY B 315 -0.33 4.35 -15.02
C GLY B 315 -0.29 4.13 -13.52
N MET B 316 -0.18 2.87 -13.09
CA MET B 316 0.01 2.57 -11.68
C MET B 316 1.42 2.94 -11.22
N VAL B 317 2.42 2.77 -12.08
CA VAL B 317 3.77 3.22 -11.78
C VAL B 317 3.79 4.72 -11.53
N LEU B 318 3.09 5.47 -12.39
CA LEU B 318 3.06 6.92 -12.25
C LEU B 318 2.32 7.35 -10.99
N ASN B 319 1.21 6.68 -10.66
CA ASN B 319 0.47 7.02 -9.45
C ASN B 319 1.28 6.70 -8.20
N GLU B 320 2.04 5.60 -8.21
CA GLU B 320 2.88 5.27 -7.08
C GLU B 320 4.04 6.26 -6.93
N ALA B 321 4.57 6.76 -8.06
CA ALA B 321 5.58 7.80 -7.98
C ALA B 321 4.98 9.10 -7.43
N LEU B 322 3.74 9.42 -7.83
CA LEU B 322 3.04 10.56 -7.24
C LEU B 322 2.72 10.35 -5.77
N ARG B 323 2.50 9.10 -5.36
CA ARG B 323 2.27 8.85 -3.93
C ARG B 323 3.48 9.25 -3.12
N LEU B 324 4.66 8.71 -3.46
CA LEU B 324 5.83 8.92 -2.64
C LEU B 324 6.33 10.36 -2.73
N TRP B 325 6.43 10.92 -3.93
CA TRP B 325 6.95 12.27 -4.13
C TRP B 325 6.05 13.06 -5.07
N PRO B 326 4.88 13.48 -4.59
CA PRO B 326 4.02 14.34 -5.41
C PRO B 326 4.72 15.66 -5.69
N THR B 327 4.83 15.99 -6.98
CA THR B 327 5.77 17.04 -7.37
C THR B 327 5.28 18.45 -7.07
N ALA B 328 4.02 18.62 -6.67
CA ALA B 328 3.53 19.85 -6.06
C ALA B 328 3.12 19.48 -4.64
N PRO B 329 4.06 19.44 -3.71
CA PRO B 329 3.85 18.67 -2.47
C PRO B 329 2.98 19.34 -1.43
N ALA B 330 2.49 20.56 -1.64
CA ALA B 330 1.71 21.22 -0.61
C ALA B 330 0.69 22.16 -1.23
N PHE B 331 -0.49 22.20 -0.64
CA PHE B 331 -1.45 23.24 -0.92
C PHE B 331 -2.03 23.74 0.39
N SER B 332 -2.55 24.96 0.36
CA SER B 332 -2.93 25.67 1.57
C SER B 332 -4.41 25.99 1.57
N LEU B 333 -5.00 25.99 2.76
CA LEU B 333 -6.43 26.25 2.94
C LEU B 333 -6.61 27.21 4.10
N TYR B 334 -7.73 27.96 4.07
CA TYR B 334 -8.09 28.83 5.18
C TYR B 334 -9.53 28.56 5.59
N ALA B 335 -9.79 28.71 6.89
CA ALA B 335 -11.13 28.53 7.42
C ALA B 335 -12.04 29.66 6.97
N LYS B 336 -13.12 29.31 6.26
CA LYS B 336 -14.09 30.32 5.84
C LYS B 336 -14.79 30.97 7.03
N GLU B 337 -15.05 30.18 8.07
CA GLU B 337 -15.69 30.65 9.29
C GLU B 337 -15.08 29.93 10.48
N ASP B 338 -15.48 30.35 11.68
CA ASP B 338 -15.10 29.62 12.88
C ASP B 338 -15.62 28.18 12.80
N THR B 339 -14.76 27.23 13.13
CA THR B 339 -15.11 25.82 13.00
C THR B 339 -14.16 25.01 13.87
N VAL B 340 -14.54 23.76 14.11
CA VAL B 340 -13.74 22.82 14.88
C VAL B 340 -13.27 21.71 13.96
N LEU B 341 -11.96 21.48 13.93
CA LEU B 341 -11.36 20.47 13.08
C LEU B 341 -11.22 19.16 13.84
N GLY B 342 -11.69 18.07 13.23
CA GLY B 342 -11.56 16.76 13.83
C GLY B 342 -12.20 16.62 15.19
N GLY B 343 -13.14 17.50 15.51
CA GLY B 343 -13.73 17.56 16.83
C GLY B 343 -12.78 17.97 17.94
N GLU B 344 -11.50 18.22 17.65
CA GLU B 344 -10.52 18.45 18.69
C GLU B 344 -9.85 19.82 18.65
N TYR B 345 -9.71 20.43 17.47
CA TYR B 345 -8.89 21.63 17.32
C TYR B 345 -9.74 22.80 16.84
N PRO B 346 -10.05 23.76 17.72
CA PRO B 346 -10.84 24.92 17.29
C PRO B 346 -10.04 25.80 16.35
N LEU B 347 -10.70 26.29 15.31
CA LEU B 347 -10.11 27.17 14.32
C LEU B 347 -10.91 28.45 14.23
N GLU B 348 -10.22 29.58 14.17
CA GLU B 348 -10.87 30.85 13.92
C GLU B 348 -10.95 31.12 12.42
N LYS B 349 -11.91 31.95 12.05
CA LYS B 349 -12.02 32.41 10.67
C LYS B 349 -10.70 32.97 10.19
N GLY B 350 -10.25 32.51 9.02
CA GLY B 350 -9.02 32.97 8.42
C GLY B 350 -7.80 32.13 8.74
N ASP B 351 -7.84 31.28 9.76
CA ASP B 351 -6.69 30.44 10.11
C ASP B 351 -6.26 29.60 8.92
N GLU B 352 -4.95 29.42 8.78
CA GLU B 352 -4.38 28.74 7.63
C GLU B 352 -4.10 27.27 7.95
N LEU B 353 -4.41 26.41 6.98
CA LEU B 353 -4.08 24.99 7.05
C LEU B 353 -3.19 24.63 5.87
N MET B 354 -2.18 23.80 6.13
CA MET B 354 -1.26 23.33 5.10
C MET B 354 -1.39 21.83 4.97
N VAL B 355 -1.70 21.37 3.76
CA VAL B 355 -1.78 19.95 3.46
C VAL B 355 -0.41 19.48 2.99
N LEU B 356 0.24 18.66 3.80
CA LEU B 356 1.55 18.09 3.49
C LEU B 356 1.31 16.79 2.73
N ILE B 357 1.21 16.89 1.40
CA ILE B 357 0.79 15.74 0.59
C ILE B 357 1.71 14.53 0.76
N PRO B 358 3.04 14.66 0.73
CA PRO B 358 3.87 13.45 0.89
C PRO B 358 3.63 12.72 2.19
N GLN B 359 3.28 13.44 3.26
CA GLN B 359 3.00 12.76 4.52
C GLN B 359 1.60 12.15 4.52
N LEU B 360 0.62 12.83 3.91
CA LEU B 360 -0.69 12.22 3.70
C LEU B 360 -0.56 10.89 2.98
N HIS B 361 0.27 10.84 1.94
CA HIS B 361 0.53 9.63 1.17
C HIS B 361 1.35 8.60 1.92
N ARG B 362 1.77 8.90 3.15
CA ARG B 362 2.43 7.92 4.02
C ARG B 362 1.61 7.62 5.27
N ASP B 363 0.33 8.00 5.29
CA ASP B 363 -0.59 7.68 6.38
C ASP B 363 -0.72 6.17 6.51
N LYS B 364 -0.06 5.61 7.52
CA LYS B 364 -0.03 4.16 7.69
C LYS B 364 -1.41 3.58 8.04
N THR B 365 -2.33 4.39 8.57
CA THR B 365 -3.66 3.87 8.84
C THR B 365 -4.45 3.64 7.56
N ILE B 366 -4.03 4.24 6.45
CA ILE B 366 -4.66 4.05 5.15
C ILE B 366 -3.94 2.99 4.34
N TRP B 367 -2.61 3.13 4.21
CA TRP B 367 -1.85 2.36 3.22
C TRP B 367 -1.18 1.12 3.80
N GLY B 368 -1.16 0.96 5.12
CA GLY B 368 -0.39 -0.11 5.73
C GLY B 368 0.98 0.38 6.14
N ASP B 369 1.75 -0.55 6.72
CA ASP B 369 3.05 -0.18 7.28
C ASP B 369 4.12 0.07 6.23
N ASP B 370 3.95 -0.47 5.02
CA ASP B 370 5.01 -0.45 4.00
C ASP B 370 4.99 0.81 3.13
N VAL B 371 4.72 1.99 3.71
CA VAL B 371 4.48 3.18 2.91
C VAL B 371 5.73 3.68 2.18
N GLU B 372 6.92 3.23 2.57
CA GLU B 372 8.13 3.64 1.88
C GLU B 372 8.47 2.76 0.69
N GLU B 373 7.81 1.62 0.53
N GLU B 373 7.82 1.62 0.52
CA GLU B 373 8.08 0.72 -0.59
CA GLU B 373 8.11 0.73 -0.58
C GLU B 373 7.43 1.26 -1.85
C GLU B 373 7.43 1.22 -1.85
N PHE B 374 8.11 1.07 -2.99
CA PHE B 374 7.56 1.41 -4.30
C PHE B 374 6.79 0.18 -4.79
N ARG B 375 5.47 0.24 -4.70
CA ARG B 375 4.62 -0.92 -4.99
C ARG B 375 3.42 -0.46 -5.81
N PRO B 376 3.57 -0.39 -7.14
CA PRO B 376 2.46 0.09 -7.97
C PRO B 376 1.19 -0.74 -7.81
N GLU B 377 1.31 -2.00 -7.38
CA GLU B 377 0.14 -2.85 -7.15
C GLU B 377 -0.81 -2.25 -6.12
N ARG B 378 -0.36 -1.28 -5.32
CA ARG B 378 -1.28 -0.54 -4.45
C ARG B 378 -2.48 0.00 -5.21
N PHE B 379 -2.30 0.31 -6.50
CA PHE B 379 -3.32 0.98 -7.28
C PHE B 379 -4.05 0.03 -8.23
N GLU B 380 -4.07 -1.28 -7.91
CA GLU B 380 -4.81 -2.23 -8.73
C GLU B 380 -6.30 -1.92 -8.73
N ASN B 381 -6.82 -1.47 -7.59
CA ASN B 381 -8.25 -1.22 -7.41
C ASN B 381 -8.47 0.26 -7.10
N PRO B 382 -8.62 1.10 -8.14
CA PRO B 382 -8.95 2.52 -7.95
C PRO B 382 -10.01 2.79 -6.89
N SER B 383 -11.00 1.90 -6.79
CA SER B 383 -12.20 2.12 -5.99
C SER B 383 -12.04 1.75 -4.53
N ALA B 384 -10.97 1.05 -4.15
CA ALA B 384 -10.75 0.69 -2.75
C ALA B 384 -9.99 1.77 -1.98
N ILE B 385 -9.42 2.75 -2.68
CA ILE B 385 -8.66 3.83 -2.04
C ILE B 385 -9.63 4.87 -1.51
N PRO B 386 -9.65 5.13 -0.20
CA PRO B 386 -10.61 6.09 0.35
C PRO B 386 -10.44 7.47 -0.28
N GLN B 387 -11.56 8.19 -0.38
CA GLN B 387 -11.52 9.57 -0.84
C GLN B 387 -10.61 10.39 0.06
N HIS B 388 -9.82 11.27 -0.57
CA HIS B 388 -8.91 12.22 0.08
C HIS B 388 -7.69 11.54 0.70
N ALA B 389 -7.44 10.27 0.41
CA ALA B 389 -6.20 9.63 0.83
C ALA B 389 -5.07 9.86 -0.17
N PHE B 390 -5.40 10.13 -1.43
CA PHE B 390 -4.43 10.27 -2.52
C PHE B 390 -4.80 11.55 -3.26
N LYS B 391 -4.06 12.64 -3.02
CA LYS B 391 -4.41 13.95 -3.57
C LYS B 391 -3.21 14.65 -4.20
N PRO B 392 -2.52 14.02 -5.15
CA PRO B 392 -1.40 14.72 -5.80
C PRO B 392 -1.83 15.87 -6.69
N PHE B 393 -3.12 15.98 -7.03
CA PHE B 393 -3.61 17.04 -7.91
C PHE B 393 -4.54 18.03 -7.19
N GLY B 394 -4.41 18.16 -5.87
CA GLY B 394 -5.20 19.17 -5.17
C GLY B 394 -6.60 18.70 -4.85
N ASN B 395 -7.49 19.67 -4.64
CA ASN B 395 -8.83 19.37 -4.13
C ASN B 395 -9.90 20.27 -4.70
N GLY B 396 -11.06 19.68 -4.99
CA GLY B 396 -12.27 20.47 -5.26
C GLY B 396 -12.21 21.26 -6.56
N GLN B 397 -12.84 22.43 -6.54
CA GLN B 397 -12.85 23.28 -7.72
C GLN B 397 -11.48 23.91 -7.98
N ARG B 398 -10.61 23.94 -6.98
CA ARG B 398 -9.23 24.38 -7.15
C ARG B 398 -8.27 23.23 -7.45
N ALA B 399 -8.78 22.07 -7.87
CA ALA B 399 -7.90 20.97 -8.22
C ALA B 399 -7.20 21.23 -9.55
N CYS B 400 -6.18 20.43 -9.83
CA CYS B 400 -5.36 20.63 -11.02
C CYS B 400 -6.19 20.51 -12.28
N ILE B 401 -6.21 21.58 -13.09
CA ILE B 401 -6.98 21.54 -14.32
C ILE B 401 -6.30 20.69 -15.39
N GLY B 402 -5.00 20.43 -15.24
CA GLY B 402 -4.26 19.71 -16.25
C GLY B 402 -3.96 18.27 -15.89
N GLN B 403 -4.76 17.70 -14.99
CA GLN B 403 -4.47 16.34 -14.49
C GLN B 403 -4.49 15.32 -15.62
N GLN B 404 -5.56 15.31 -16.44
CA GLN B 404 -5.62 14.35 -17.54
C GLN B 404 -4.50 14.58 -18.54
N PHE B 405 -4.18 15.86 -18.79
CA PHE B 405 -3.10 16.22 -19.70
C PHE B 405 -1.75 15.68 -19.22
N ALA B 406 -1.41 15.93 -17.96
CA ALA B 406 -0.15 15.44 -17.42
C ALA B 406 -0.07 13.92 -17.47
N LEU B 407 -1.11 13.23 -16.99
CA LEU B 407 -1.05 11.78 -16.90
C LEU B 407 -1.02 11.12 -18.26
N HIS B 408 -1.71 11.69 -19.25
CA HIS B 408 -1.65 11.14 -20.59
C HIS B 408 -0.26 11.33 -21.19
N GLU B 409 0.31 12.52 -21.03
CA GLU B 409 1.67 12.76 -21.51
C GLU B 409 2.67 11.81 -20.86
N ALA B 410 2.59 11.68 -19.53
CA ALA B 410 3.59 10.88 -18.82
C ALA B 410 3.45 9.40 -19.14
N THR B 411 2.21 8.91 -19.27
CA THR B 411 1.99 7.51 -19.64
C THR B 411 2.53 7.23 -21.05
N LEU B 412 2.20 8.11 -21.99
CA LEU B 412 2.71 7.98 -23.36
C LEU B 412 4.23 7.92 -23.38
N VAL B 413 4.89 8.87 -22.71
CA VAL B 413 6.34 8.97 -22.81
C VAL B 413 7.02 7.81 -22.06
N LEU B 414 6.57 7.53 -20.84
CA LEU B 414 7.18 6.44 -20.09
C LEU B 414 6.98 5.11 -20.80
N GLY B 415 5.83 4.94 -21.45
CA GLY B 415 5.59 3.72 -22.21
C GLY B 415 6.56 3.58 -23.37
N MET B 416 6.74 4.66 -24.13
CA MET B 416 7.70 4.62 -25.24
C MET B 416 9.11 4.43 -24.74
N MET B 417 9.48 5.07 -23.63
CA MET B 417 10.82 4.87 -23.05
C MET B 417 11.06 3.41 -22.73
N LEU B 418 10.07 2.76 -22.11
CA LEU B 418 10.21 1.35 -21.71
C LEU B 418 10.13 0.42 -22.92
N LYS B 419 9.49 0.85 -24.00
CA LYS B 419 9.43 0.00 -25.18
C LYS B 419 10.78 -0.03 -25.90
N HIS B 420 11.49 1.09 -25.92
CA HIS B 420 12.63 1.26 -26.81
C HIS B 420 13.99 1.08 -26.14
N PHE B 421 14.08 1.10 -24.81
CA PHE B 421 15.37 1.09 -24.14
C PHE B 421 15.36 0.18 -22.91
N ASP B 422 16.52 -0.43 -22.64
CA ASP B 422 16.86 -0.93 -21.32
C ASP B 422 17.66 0.12 -20.57
N PHE B 423 17.38 0.28 -19.28
CA PHE B 423 17.94 1.37 -18.48
C PHE B 423 18.88 0.83 -17.42
N GLU B 424 19.99 1.55 -17.20
CA GLU B 424 20.98 1.19 -16.20
C GLU B 424 21.21 2.37 -15.25
N ASP B 425 21.10 2.09 -13.96
CA ASP B 425 21.48 3.04 -12.90
C ASP B 425 23.00 2.94 -12.72
N HIS B 426 23.72 3.50 -13.68
CA HIS B 426 25.16 3.24 -13.80
C HIS B 426 25.99 3.92 -12.72
N THR B 427 25.44 4.92 -12.01
CA THR B 427 26.15 5.56 -10.93
C THR B 427 25.67 5.13 -9.55
N ASN B 428 24.75 4.17 -9.47
CA ASN B 428 23.99 3.89 -8.24
C ASN B 428 23.54 5.20 -7.59
N TYR B 429 22.75 5.95 -8.36
CA TYR B 429 22.37 7.30 -7.97
C TYR B 429 21.73 7.32 -6.59
N GLU B 430 22.16 8.28 -5.78
CA GLU B 430 21.60 8.50 -4.45
C GLU B 430 20.58 9.62 -4.54
N LEU B 431 19.34 9.33 -4.18
CA LEU B 431 18.24 10.28 -4.31
C LEU B 431 18.55 11.58 -3.59
N ASP B 432 18.49 12.67 -4.33
CA ASP B 432 18.69 14.02 -3.79
C ASP B 432 17.56 14.88 -4.36
N ILE B 433 16.61 15.23 -3.51
CA ILE B 433 15.39 15.88 -3.95
C ILE B 433 15.55 17.38 -3.75
N LYS B 434 15.63 18.10 -4.86
CA LYS B 434 15.72 19.56 -4.84
C LYS B 434 14.32 20.13 -4.79
N GLU B 435 14.12 21.13 -3.93
CA GLU B 435 12.82 21.78 -3.76
C GLU B 435 12.91 23.18 -4.34
N THR B 436 12.23 23.40 -5.46
CA THR B 436 12.03 24.72 -6.03
C THR B 436 10.54 25.04 -5.96
N LEU B 437 9.89 25.47 -7.05
CA LEU B 437 8.44 25.46 -7.04
C LEU B 437 7.91 24.04 -7.01
N THR B 438 8.73 23.06 -7.42
CA THR B 438 8.33 21.66 -7.46
C THR B 438 9.48 20.80 -6.95
N LEU B 439 9.30 19.48 -7.01
CA LEU B 439 10.31 18.52 -6.59
C LEU B 439 10.94 17.85 -7.80
N LYS B 440 12.21 17.49 -7.67
CA LYS B 440 12.88 16.73 -8.73
C LYS B 440 14.06 15.99 -8.13
N PRO B 441 14.41 14.84 -8.69
CA PRO B 441 15.63 14.15 -8.24
C PRO B 441 16.87 14.74 -8.91
N GLU B 442 17.49 15.70 -8.25
CA GLU B 442 18.58 16.45 -8.87
C GLU B 442 19.78 15.55 -9.10
N GLY B 443 20.40 15.68 -10.26
CA GLY B 443 21.55 14.87 -10.63
C GLY B 443 21.24 13.45 -11.04
N PHE B 444 19.95 13.08 -11.18
CA PHE B 444 19.61 11.73 -11.60
C PHE B 444 20.09 11.50 -13.02
N VAL B 445 20.85 10.43 -13.22
CA VAL B 445 21.41 10.07 -14.52
C VAL B 445 21.27 8.57 -14.72
N VAL B 446 21.14 8.16 -15.98
CA VAL B 446 21.05 6.75 -16.36
C VAL B 446 21.78 6.55 -17.68
N LYS B 447 21.97 5.29 -18.04
CA LYS B 447 22.35 4.90 -19.38
C LYS B 447 21.20 4.10 -20.00
N ALA B 448 20.91 4.40 -21.26
CA ALA B 448 19.84 3.73 -21.99
C ALA B 448 20.44 2.95 -23.15
N LYS B 449 20.19 1.64 -23.18
CA LYS B 449 20.67 0.81 -24.28
C LYS B 449 19.49 0.50 -25.19
N SER B 450 19.60 0.93 -26.44
CA SER B 450 18.51 0.76 -27.39
C SER B 450 18.18 -0.71 -27.61
N LYS B 451 16.89 -1.01 -27.66
CA LYS B 451 16.43 -2.31 -28.12
C LYS B 451 16.31 -2.37 -29.63
N LYS B 452 16.69 -1.31 -30.33
CA LYS B 452 16.71 -1.27 -31.79
C LYS B 452 15.35 -1.58 -32.39
N ILE B 453 14.31 -0.96 -31.83
CA ILE B 453 12.95 -1.12 -32.31
C ILE B 453 12.59 0.12 -33.11
N PRO B 454 12.28 0.00 -34.41
CA PRO B 454 12.13 1.20 -35.25
C PRO B 454 10.97 2.07 -34.77
N LEU B 455 11.06 3.35 -35.15
CA LEU B 455 10.00 4.33 -34.96
C LEU B 455 9.26 4.56 -36.27
N GLY B 456 8.22 5.39 -36.20
CA GLY B 456 7.44 5.73 -37.38
C GLY B 456 7.35 7.22 -37.64
N GLY B 457 7.60 7.62 -38.89
CA GLY B 457 7.58 9.03 -39.24
C GLY B 457 6.57 9.36 -40.32
C01 FJQ C . -10.48 -22.97 5.93
C02 FJQ C . -10.00 -22.11 6.92
C03 FJQ C . -9.74 -20.78 6.64
C04 FJQ C . -9.95 -20.30 5.35
C05 FJQ C . -10.42 -21.15 4.36
C06 FJQ C . -10.68 -22.47 4.65
C09 FJQ C . -9.23 -19.84 7.72
C10 FJQ C . -7.69 -19.80 7.68
C12 FJQ C . -7.12 -18.58 9.76
C13 FJQ C . -6.54 -17.34 10.06
C15 FJQ C . -6.65 -17.56 7.93
C17 FJQ C . -11.02 -20.48 9.20
C18 FJQ C . -11.71 -19.16 9.54
C19 FJQ C . -12.65 -18.55 8.70
C21 FJQ C . -12.23 -17.22 10.87
C22 FJQ C . -11.48 -18.41 10.74
N11 FJQ C . -7.17 -18.67 8.43
N14 FJQ C . -6.27 -16.75 8.92
O16 FJQ C . -9.64 -20.28 8.99
S20 FJQ C . -13.15 -17.14 9.45
CL7 FJQ C . -11.29 -23.55 3.36
CL8 FJQ C . -9.62 -18.61 4.93
CL2 FJQ C . -13.22 -19.14 7.12
CHA HEM D . -6.55 -14.17 5.74
CHB HEM D . -3.10 -17.40 6.83
CHC HEM D . -3.02 -15.91 11.46
CHD HEM D . -6.92 -13.20 10.50
C1A HEM D . -5.62 -15.17 5.61
C2A HEM D . -5.29 -15.92 4.41
C3A HEM D . -4.34 -16.80 4.72
C4A HEM D . -4.02 -16.66 6.12
CMA HEM D . -3.67 -17.81 3.76
CAA HEM D . -5.94 -15.72 3.02
CBA HEM D . -7.20 -16.58 2.94
CGA HEM D . -7.88 -16.50 1.59
O1A HEM D . -9.00 -17.05 1.46
O2A HEM D . -7.30 -15.88 0.64
C1B HEM D . -2.76 -17.28 8.16
C2B HEM D . -1.74 -18.02 8.87
C3B HEM D . -1.73 -17.62 10.15
C4B HEM D . -2.74 -16.58 10.28
CMB HEM D . -0.86 -19.12 8.19
CAB HEM D . -0.84 -18.05 11.33
CBB HEM D . 0.40 -18.55 11.20
C1C HEM D . -4.05 -15.00 11.59
C2C HEM D . -4.32 -14.19 12.76
C3C HEM D . -5.41 -13.44 12.51
C4C HEM D . -5.84 -13.74 11.15
CMC HEM D . -3.46 -14.27 14.05
CAC HEM D . -6.14 -12.40 13.41
CBC HEM D . -5.66 -11.93 14.56
C1D HEM D . -7.14 -13.18 9.14
C2D HEM D . -8.15 -12.41 8.43
C3D HEM D . -8.04 -12.68 7.13
C4D HEM D . -6.97 -13.64 6.95
CMD HEM D . -9.16 -11.45 9.07
CAD HEM D . -8.88 -12.08 5.99
CBD HEM D . -8.21 -10.79 5.51
CGD HEM D . -9.03 -10.16 4.41
O1D HEM D . -9.35 -10.86 3.42
O2D HEM D . -9.37 -8.95 4.52
NA HEM D . -4.82 -15.64 6.64
NB HEM D . -3.35 -16.40 9.06
NC HEM D . -4.99 -14.70 10.64
ND HEM D . -6.44 -13.92 8.20
FE HEM D . -4.89 -15.14 8.64
P PO4 E . 0.37 -35.02 31.89
O1 PO4 E . 1.67 -35.78 31.77
O2 PO4 E . -0.65 -35.88 32.58
O3 PO4 E . 0.60 -33.77 32.70
O4 PO4 E . -0.14 -34.65 30.50
P PO4 F . 17.51 -23.60 -6.74
O1 PO4 F . 18.96 -23.50 -7.12
O2 PO4 F . 16.94 -24.93 -7.18
O3 PO4 F . 17.37 -23.47 -5.24
O4 PO4 F . 16.74 -22.48 -7.42
O1 TLA G . -7.65 -27.67 -0.49
O11 TLA G . -9.62 -27.93 -1.41
C1 TLA G . -8.87 -27.97 -0.39
C2 TLA G . -9.45 -28.35 0.97
O2 TLA G . -10.28 -29.47 0.82
C3 TLA G . -10.27 -27.17 1.50
O3 TLA G . -11.02 -26.61 0.46
C4 TLA G . -11.18 -27.64 2.63
O4 TLA G . -10.71 -27.86 3.77
O41 TLA G . -12.42 -27.80 2.40
C1 DIO H . 15.77 -21.48 -2.04
C2 DIO H . 16.27 -19.21 -2.15
C1' DIO H . 16.01 -21.47 -0.54
C2' DIO H . 16.49 -19.19 -0.63
O1 DIO H . 15.38 -20.22 -2.52
O1' DIO H . 16.87 -20.45 -0.14
C1 EDO I . -15.50 -26.44 5.77
O1 EDO I . -15.81 -27.29 4.66
C2 EDO I . -14.31 -27.06 6.48
O2 EDO I . -13.26 -27.07 5.51
C1 EDO J . -8.57 -26.42 5.69
O1 EDO J . -8.64 -26.70 4.29
C2 EDO J . -8.00 -27.64 6.41
O2 EDO J . -6.58 -27.52 6.53
C1 EDO K . -7.41 -23.34 4.38
O1 EDO K . -7.04 -21.97 4.26
C2 EDO K . -7.70 -23.92 3.00
O2 EDO K . -8.99 -24.55 2.96
C1 EDO L . -11.93 -21.42 35.30
O1 EDO L . -11.68 -20.98 33.97
C2 EDO L . -11.51 -22.88 35.45
O2 EDO L . -11.48 -23.23 36.84
C1 EDO M . -18.20 -12.57 -7.66
O1 EDO M . -18.29 -13.93 -8.13
C2 EDO M . -18.69 -11.63 -8.76
O2 EDO M . -17.68 -11.55 -9.78
C1 EDO N . -11.58 6.34 13.97
O1 EDO N . -12.92 6.71 13.64
C2 EDO N . -11.58 5.45 15.21
O2 EDO N . -10.30 4.83 15.33
C01 FJQ O . 4.67 26.02 -5.48
C02 FJQ O . 4.37 25.70 -6.78
C03 FJQ O . 3.05 25.59 -7.21
C04 FJQ O . 2.03 25.81 -6.29
C05 FJQ O . 2.33 26.14 -4.97
C06 FJQ O . 3.65 26.25 -4.57
C09 FJQ O . 2.69 25.23 -8.65
C10 FJQ O . 2.41 23.72 -8.65
C12 FJQ O . 2.30 23.17 -11.06
C13 FJQ O . 1.32 22.67 -11.91
C15 FJQ O . 0.50 22.85 -9.94
C17 FJQ O . 4.27 26.74 -9.63
C18 FJQ O . 3.43 27.60 -10.57
C19 FJQ O . 2.77 28.75 -10.13
C21 FJQ O . 2.44 28.28 -12.65
C22 FJQ O . 3.25 27.35 -11.97
N11 FJQ O . 1.75 23.26 -9.86
N14 FJQ O . 0.23 22.49 -11.17
O16 FJQ O . 3.77 25.44 -9.54
S20 FJQ O . 1.98 29.40 -11.48
CL7 FJQ O . 4.01 26.66 -2.87
CL8 FJQ O . 0.32 25.69 -6.77
CL2 FJQ O . 2.78 29.36 -8.46
CHA HEM P . -3.36 23.23 -9.72
CHB HEM P . -0.58 19.30 -9.11
CHC HEM P . 0.25 19.17 -13.90
CHD HEM P . -2.04 23.42 -14.39
C1A HEM P . -2.68 22.18 -9.14
C2A HEM P . -2.65 21.86 -7.73
C3A HEM P . -1.89 20.78 -7.57
C4A HEM P . -1.40 20.37 -8.87
CMA HEM P . -1.59 20.10 -6.21
CAA HEM P . -3.37 22.62 -6.60
CBA HEM P . -2.54 23.84 -6.19
CGA HEM P . -3.20 24.53 -5.04
O1A HEM P . -4.22 23.97 -4.54
O2A HEM P . -2.73 25.62 -4.62
C1B HEM P . -0.12 18.92 -10.36
C2B HEM P . 0.73 17.76 -10.62
C3B HEM P . 0.96 17.73 -11.95
C4B HEM P . 0.26 18.85 -12.56
CMB HEM P . 1.21 16.82 -9.51
CAB HEM P . 1.77 16.72 -12.80
CBB HEM P . 2.17 15.54 -12.34
C1C HEM P . -0.34 20.28 -14.46
C2C HEM P . -0.47 20.56 -15.88
C3C HEM P . -1.10 21.73 -16.02
C4C HEM P . -1.39 22.23 -14.69
CMC HEM P . 0.06 19.61 -16.98
CAC HEM P . -1.49 22.51 -17.31
CBC HEM P . -1.25 22.12 -18.55
C1D HEM P . -2.63 23.74 -13.19
C2D HEM P . -3.51 24.87 -12.92
C3D HEM P . -3.87 24.82 -11.63
C4D HEM P . -3.24 23.66 -11.03
CMD HEM P . -3.93 25.93 -13.94
CAD HEM P . -4.79 25.79 -10.88
CBD HEM P . -6.23 25.29 -11.09
CGD HEM P . -7.21 26.30 -10.54
O1D HEM P . -7.09 26.67 -9.34
O2D HEM P . -8.11 26.72 -11.30
NA HEM P . -1.90 21.25 -9.81
NB HEM P . -0.36 19.55 -11.55
NC HEM P . -0.93 21.32 -13.76
ND HEM P . -2.50 23.03 -12.01
FE HEM P . -1.46 21.28 -11.80
P PO4 Q . 26.28 12.93 -22.33
O1 PO4 Q . 26.89 11.67 -21.78
O2 PO4 Q . 27.33 13.68 -23.12
O3 PO4 Q . 25.76 13.79 -21.20
O4 PO4 Q . 25.15 12.56 -23.26
C1 EDO R . -4.09 0.73 -0.94
O1 EDO R . -4.69 0.34 -2.18
C2 EDO R . -5.18 1.06 0.08
O2 EDO R . -5.76 2.34 -0.25
C1 EDO S . -3.18 7.01 -17.92
O1 EDO S . -3.57 6.88 -19.29
C2 EDO S . -2.48 5.74 -17.45
O2 EDO S . -3.05 4.59 -18.13
C1 EDO T . 21.82 4.37 -28.02
O1 EDO T . 22.68 5.50 -28.16
C2 EDO T . 22.66 3.16 -27.64
O2 EDO T . 21.82 2.14 -27.11
C1 EDO U . 18.26 -1.14 -12.97
O1 EDO U . 17.67 -0.66 -14.18
C2 EDO U . 19.70 -1.58 -13.19
O2 EDO U . 20.58 -0.45 -13.23
C1 PEG V . 7.18 38.94 -17.37
O1 PEG V . 5.99 38.54 -18.01
C2 PEG V . 7.19 38.39 -15.95
O2 PEG V . 6.53 39.28 -15.08
C3 PEG V . 7.24 39.56 -13.91
C4 PEG V . 6.89 40.96 -13.39
O4 PEG V . 7.68 41.27 -12.28
#